data_8PDS
#
_entry.id   8PDS
#
_cell.length_a   1.00
_cell.length_b   1.00
_cell.length_c   1.00
_cell.angle_alpha   90.00
_cell.angle_beta   90.00
_cell.angle_gamma   90.00
#
_symmetry.space_group_name_H-M   'P 1'
#
loop_
_entity.id
_entity.type
_entity.pdbx_description
1 polymer Nucleoprotein
2 polymer RNA
3 polymer Phosphoprotein
#
loop_
_entity_poly.entity_id
_entity_poly.type
_entity_poly.pdbx_seq_one_letter_code
_entity_poly.pdbx_strand_id
1 'polypeptide(L)'
;MSLQGIHLSDLSYKHAILKESQYTIKRDVGTTTAVTPSSLQQEITLLCGEILYAKHADYKYAAEIGIQYISTALGSERVQ
QILRNSGSEVQVVLTRTYSLGKIKNNKGEDLQMLDIHGVEKSWVEEIDKEARKTMATLLKESSGNIPQNQRPSAPDTPII
LLCVGALIFTKLASTIEVGLETTVRRANRVLSDALKRYPRMDIPKIARSFYDLFEQKVYHRSLFIEYGKALGSSSTGSKA
ESLFVNIFMQAYGAGQTMLRWGVIARSSNNIMLGHVSVQAELKQVTEVYDLVREMGPESGLLHLRQSPKAGLLSLANCPN
FASVVLGNASGLGIIGMYRGRVPNTELFSAAESYAKSLKESNKINFSSLGLTDEEKEAAEHFLNVSDDSQNDYE
;
A,C
2 'polyribonucleotide' CCCCCCCCCCCCCC E
3 'polypeptide(L)' DIYQLIM B,D
#
# COMPACT_ATOMS: atom_id res chain seq x y z
N MET A 1 -41.01 -7.32 11.38
CA MET A 1 -41.84 -6.30 10.76
C MET A 1 -41.09 -5.58 9.63
N SER A 2 -40.24 -4.63 10.01
CA SER A 2 -39.48 -3.85 9.06
C SER A 2 -38.04 -4.34 8.98
N LEU A 3 -37.45 -4.19 7.80
CA LEU A 3 -36.05 -4.54 7.56
C LEU A 3 -35.15 -3.33 7.78
N GLN A 4 -35.31 -2.66 8.92
CA GLN A 4 -34.63 -1.38 9.13
C GLN A 4 -33.33 -1.52 9.91
N GLY A 5 -33.26 -2.48 10.83
CA GLY A 5 -32.03 -2.67 11.58
C GLY A 5 -30.95 -3.42 10.84
N ILE A 6 -31.24 -3.92 9.66
CA ILE A 6 -30.27 -4.69 8.88
C ILE A 6 -29.32 -3.73 8.19
N HIS A 7 -28.20 -3.43 8.84
CA HIS A 7 -27.24 -2.46 8.36
C HIS A 7 -25.89 -2.82 8.97
N LEU A 8 -24.81 -2.62 8.22
CA LEU A 8 -23.51 -3.13 8.65
C LEU A 8 -22.46 -2.05 8.89
N SER A 9 -22.24 -1.17 7.91
CA SER A 9 -21.21 -0.11 8.03
C SER A 9 -19.82 -0.72 8.21
N ASP A 10 -19.43 -1.59 7.29
CA ASP A 10 -18.16 -2.29 7.41
C ASP A 10 -16.97 -1.41 7.04
N LEU A 11 -17.11 -0.55 6.04
CA LEU A 11 -15.98 0.26 5.59
C LEU A 11 -15.60 1.31 6.62
N SER A 12 -16.59 1.92 7.26
CA SER A 12 -16.32 2.82 8.37
C SER A 12 -15.59 2.09 9.49
N TYR A 13 -15.96 0.84 9.74
CA TYR A 13 -15.30 0.06 10.78
C TYR A 13 -13.86 -0.28 10.39
N LYS A 14 -13.63 -0.58 9.12
CA LYS A 14 -12.26 -0.84 8.66
C LYS A 14 -11.39 0.40 8.79
N HIS A 15 -11.93 1.56 8.42
CA HIS A 15 -11.16 2.79 8.59
C HIS A 15 -10.94 3.13 10.06
N ALA A 16 -11.90 2.82 10.92
CA ALA A 16 -11.70 3.01 12.35
C ALA A 16 -10.60 2.10 12.87
N ILE A 17 -10.56 0.87 12.36
CA ILE A 17 -9.50 -0.07 12.74
C ILE A 17 -8.14 0.47 12.33
N LEU A 18 -8.01 0.93 11.09
CA LEU A 18 -6.72 1.41 10.61
C LEU A 18 -6.30 2.70 11.29
N LYS A 19 -7.21 3.67 11.36
CA LYS A 19 -6.86 5.00 11.88
C LYS A 19 -6.49 4.94 13.35
N GLU A 20 -7.26 4.22 14.16
CA GLU A 20 -7.05 4.19 15.61
C GLU A 20 -6.06 3.08 15.95
N SER A 21 -4.78 3.38 15.74
CA SER A 21 -3.69 2.48 16.10
C SER A 21 -2.73 3.21 17.02
N GLN A 22 -2.36 2.58 18.13
CA GLN A 22 -1.49 3.17 19.12
C GLN A 22 -0.06 2.66 19.04
N TYR A 23 0.29 1.94 17.97
CA TYR A 23 1.66 1.50 17.71
C TYR A 23 2.09 2.00 16.34
N THR A 24 3.25 2.62 16.28
CA THR A 24 3.80 3.08 15.02
C THR A 24 4.76 2.04 14.46
N ILE A 25 4.80 1.95 13.15
CA ILE A 25 5.66 0.97 12.48
C ILE A 25 7.06 1.57 12.37
N LYS A 26 8.06 0.70 12.32
CA LYS A 26 9.45 1.11 12.19
C LYS A 26 10.06 0.43 10.99
N ARG A 27 10.44 1.22 9.99
CA ARG A 27 11.07 0.72 8.79
C ARG A 27 12.37 1.49 8.55
N ASP A 28 13.29 0.83 7.84
CA ASP A 28 14.56 1.43 7.43
C ASP A 28 15.38 1.86 8.65
N VAL A 29 15.62 0.91 9.56
CA VAL A 29 16.25 1.24 10.82
C VAL A 29 17.71 1.62 10.65
N GLY A 30 18.45 0.87 9.83
CA GLY A 30 19.87 1.08 9.64
C GLY A 30 20.25 1.79 8.37
N THR A 31 19.31 2.40 7.65
CA THR A 31 19.58 3.06 6.40
C THR A 31 19.81 4.56 6.61
N THR A 32 20.45 5.18 5.62
CA THR A 32 20.77 6.59 5.67
C THR A 32 20.45 7.23 4.33
N THR A 33 20.21 8.54 4.35
CA THR A 33 19.99 9.32 3.14
C THR A 33 20.72 10.65 3.29
N ALA A 34 20.80 11.38 2.18
CA ALA A 34 21.53 12.64 2.12
C ALA A 34 20.57 13.81 2.13
N VAL A 35 20.98 14.88 2.82
CA VAL A 35 20.35 16.19 2.70
C VAL A 35 21.45 17.21 2.53
N THR A 36 21.05 18.41 2.10
CA THR A 36 21.99 19.50 1.91
C THR A 36 21.61 20.65 2.82
N PRO A 37 22.57 21.23 3.54
CA PRO A 37 22.29 22.46 4.28
C PRO A 37 21.89 23.58 3.32
N SER A 38 20.96 24.40 3.76
CA SER A 38 20.46 25.47 2.89
C SER A 38 21.56 26.45 2.50
N SER A 39 22.64 26.51 3.28
CA SER A 39 23.76 27.37 2.92
C SER A 39 24.33 27.01 1.55
N LEU A 40 24.29 25.73 1.20
CA LEU A 40 24.79 25.27 -0.09
C LEU A 40 23.78 25.39 -1.21
N GLN A 41 22.68 26.12 -0.99
CA GLN A 41 21.61 26.18 -1.98
C GLN A 41 22.15 26.62 -3.34
N GLN A 42 22.95 27.69 -3.37
CA GLN A 42 23.54 28.12 -4.63
C GLN A 42 24.32 26.98 -5.29
N GLU A 43 25.19 26.32 -4.52
CA GLU A 43 26.00 25.25 -5.09
C GLU A 43 25.17 24.06 -5.54
N ILE A 44 23.92 23.92 -5.08
CA ILE A 44 23.10 22.87 -5.64
C ILE A 44 22.36 23.36 -6.87
N THR A 45 21.99 24.65 -6.91
CA THR A 45 21.36 25.19 -8.10
C THR A 45 22.25 24.99 -9.31
N LEU A 46 23.53 25.37 -9.18
CA LEU A 46 24.50 25.13 -10.24
C LEU A 46 24.46 23.68 -10.68
N LEU A 47 24.46 22.75 -9.71
CA LEU A 47 24.41 21.34 -10.07
C LEU A 47 23.14 21.04 -10.85
N CYS A 48 21.99 21.50 -10.35
CA CYS A 48 20.73 21.29 -11.06
C CYS A 48 20.76 21.94 -12.44
N GLY A 49 21.58 22.96 -12.62
CA GLY A 49 21.69 23.61 -13.91
C GLY A 49 22.70 22.94 -14.83
N GLU A 50 23.64 22.20 -14.26
CA GLU A 50 24.62 21.52 -15.11
C GLU A 50 24.07 20.22 -15.66
N ILE A 51 23.08 19.64 -15.00
CA ILE A 51 22.36 18.49 -15.55
C ILE A 51 21.56 18.90 -16.77
N LEU A 52 21.17 20.17 -16.87
CA LEU A 52 20.20 20.59 -17.87
C LEU A 52 20.82 20.98 -19.21
N TYR A 53 21.92 21.72 -19.24
CA TYR A 53 22.32 22.33 -20.50
C TYR A 53 23.40 21.54 -21.22
N ALA A 54 23.72 20.34 -20.76
CA ALA A 54 24.68 19.49 -21.43
C ALA A 54 24.12 18.08 -21.55
N LYS A 55 24.59 17.37 -22.57
CA LYS A 55 24.17 16.00 -22.81
C LYS A 55 25.10 15.07 -22.05
N HIS A 56 24.55 14.36 -21.07
CA HIS A 56 25.36 13.62 -20.12
C HIS A 56 25.32 12.12 -20.41
N ALA A 57 26.42 11.45 -20.10
CA ALA A 57 26.49 10.02 -20.29
C ALA A 57 25.50 9.29 -19.39
N ASP A 58 25.38 9.73 -18.14
CA ASP A 58 24.57 9.03 -17.15
C ASP A 58 23.76 10.05 -16.36
N TYR A 59 22.52 9.69 -16.04
CA TYR A 59 21.58 10.55 -15.32
C TYR A 59 21.07 9.87 -14.06
N LYS A 60 21.94 9.13 -13.37
CA LYS A 60 21.48 8.31 -12.26
C LYS A 60 20.94 9.15 -11.10
N TYR A 61 21.63 10.24 -10.76
CA TYR A 61 21.33 10.98 -9.54
C TYR A 61 20.76 12.37 -9.80
N ALA A 62 20.17 12.59 -10.98
CA ALA A 62 19.51 13.88 -11.24
C ALA A 62 18.34 14.09 -10.31
N ALA A 63 17.54 13.04 -10.09
CA ALA A 63 16.43 13.14 -9.14
C ALA A 63 16.95 13.39 -7.73
N GLU A 64 18.09 12.78 -7.38
CA GLU A 64 18.68 13.03 -6.07
C GLU A 64 19.13 14.47 -5.94
N ILE A 65 19.63 15.08 -7.02
CA ILE A 65 20.03 16.48 -6.95
C ILE A 65 18.80 17.38 -6.79
N GLY A 66 17.70 17.02 -7.45
CA GLY A 66 16.46 17.74 -7.21
C GLY A 66 16.00 17.64 -5.76
N ILE A 67 16.10 16.44 -5.19
CA ILE A 67 15.72 16.26 -3.79
C ILE A 67 16.66 17.05 -2.88
N GLN A 68 17.93 17.15 -3.26
CA GLN A 68 18.88 17.97 -2.50
C GLN A 68 18.50 19.44 -2.54
N TYR A 69 18.03 19.92 -3.70
CA TYR A 69 17.54 21.29 -3.75
C TYR A 69 16.32 21.47 -2.86
N ILE A 70 15.42 20.49 -2.85
CA ILE A 70 14.26 20.56 -1.95
C ILE A 70 14.74 20.64 -0.50
N SER A 71 15.78 19.88 -0.17
CA SER A 71 16.33 19.89 1.18
C SER A 71 16.90 21.25 1.52
N THR A 72 17.59 21.90 0.58
CA THR A 72 18.06 23.26 0.83
C THR A 72 16.90 24.22 1.02
N ALA A 73 15.83 24.04 0.25
CA ALA A 73 14.69 24.94 0.34
C ALA A 73 13.99 24.82 1.69
N LEU A 74 13.65 23.60 2.10
CA LEU A 74 12.94 23.41 3.36
C LEU A 74 13.88 23.55 4.56
N GLY A 75 15.11 23.07 4.44
CA GLY A 75 16.05 23.05 5.54
C GLY A 75 16.36 21.61 5.92
N SER A 76 17.60 21.36 6.31
CA SER A 76 18.04 19.99 6.58
C SER A 76 17.32 19.39 7.78
N GLU A 77 17.22 20.14 8.88
CA GLU A 77 16.54 19.63 10.07
C GLU A 77 15.05 19.44 9.80
N ARG A 78 14.43 20.36 9.04
CA ARG A 78 13.05 20.14 8.62
C ARG A 78 12.91 18.88 7.78
N VAL A 79 13.91 18.55 6.97
CA VAL A 79 13.80 17.34 6.15
C VAL A 79 13.95 16.10 7.02
N GLN A 80 14.85 16.14 8.01
CA GLN A 80 14.88 15.09 9.04
C GLN A 80 13.50 14.90 9.66
N GLN A 81 12.86 16.01 10.06
CA GLN A 81 11.56 15.93 10.70
C GLN A 81 10.50 15.36 9.78
N ILE A 82 10.51 15.78 8.50
CA ILE A 82 9.55 15.28 7.52
C ILE A 82 9.72 13.78 7.33
N LEU A 83 10.96 13.33 7.16
CA LEU A 83 11.21 11.90 6.96
C LEU A 83 10.81 11.10 8.19
N ARG A 84 11.11 11.63 9.38
CA ARG A 84 10.71 10.95 10.61
C ARG A 84 9.19 10.84 10.71
N ASN A 85 8.48 11.90 10.37
CA ASN A 85 7.02 11.87 10.42
C ASN A 85 6.42 11.03 9.32
N SER A 86 7.18 10.74 8.26
CA SER A 86 6.71 9.84 7.21
C SER A 86 6.66 8.39 7.65
N GLY A 87 7.20 8.07 8.82
CA GLY A 87 7.20 6.71 9.32
C GLY A 87 8.44 5.91 9.04
N SER A 88 9.53 6.55 8.62
CA SER A 88 10.76 5.85 8.27
C SER A 88 11.89 6.31 9.20
N GLU A 89 12.73 5.36 9.59
CA GLU A 89 13.82 5.60 10.53
C GLU A 89 15.13 5.94 9.83
N VAL A 90 15.07 6.54 8.64
CA VAL A 90 16.28 6.86 7.89
C VAL A 90 17.04 7.97 8.59
N GLN A 91 18.35 7.79 8.75
CA GLN A 91 19.20 8.77 9.39
C GLN A 91 19.81 9.68 8.33
N VAL A 92 19.54 10.97 8.44
CA VAL A 92 20.10 11.96 7.51
C VAL A 92 21.62 12.05 7.62
N VAL A 93 22.26 12.17 6.45
CA VAL A 93 23.67 12.53 6.34
C VAL A 93 23.75 13.85 5.58
N LEU A 94 24.63 14.74 6.02
CA LEU A 94 24.67 16.10 5.53
C LEU A 94 25.67 16.25 4.38
N THR A 95 25.29 17.04 3.38
CA THR A 95 26.16 17.32 2.25
C THR A 95 27.31 18.22 2.66
N ARG A 96 28.49 17.98 2.07
CA ARG A 96 29.70 18.70 2.45
C ARG A 96 30.46 19.15 1.22
N THR A 97 30.96 20.38 1.22
CA THR A 97 31.80 20.85 0.14
C THR A 97 33.24 20.44 0.38
N TYR A 98 33.89 19.91 -0.65
CA TYR A 98 35.29 19.49 -0.57
C TYR A 98 36.07 20.13 -1.69
N SER A 99 37.35 20.36 -1.44
CA SER A 99 38.23 20.89 -2.47
C SER A 99 38.50 19.81 -3.51
N LEU A 100 38.32 20.15 -4.78
CA LEU A 100 38.55 19.17 -5.86
C LEU A 100 40.02 18.75 -5.89
N GLY A 101 40.92 19.69 -5.68
CA GLY A 101 42.34 19.41 -5.69
C GLY A 101 43.16 20.65 -5.98
N LYS A 102 44.14 20.52 -6.88
CA LYS A 102 44.93 21.67 -7.30
C LYS A 102 44.13 22.63 -8.18
N ILE A 103 42.93 22.24 -8.60
CA ILE A 103 42.12 23.06 -9.48
C ILE A 103 41.80 24.39 -8.82
N LYS A 104 41.88 25.46 -9.60
CA LYS A 104 41.64 26.83 -9.13
C LYS A 104 40.43 27.40 -9.86
N ASN A 105 39.67 28.23 -9.16
CA ASN A 105 38.48 28.82 -9.75
C ASN A 105 38.79 30.23 -10.26
N ASN A 106 37.76 30.94 -10.73
CA ASN A 106 37.96 32.27 -11.26
C ASN A 106 38.21 33.30 -10.15
N LYS A 107 37.70 33.04 -8.95
CA LYS A 107 37.84 33.98 -7.85
C LYS A 107 39.17 33.83 -7.10
N GLY A 108 39.99 32.86 -7.47
CA GLY A 108 41.29 32.66 -6.85
C GLY A 108 41.34 31.59 -5.79
N GLU A 109 40.19 31.11 -5.32
CA GLU A 109 40.15 30.08 -4.29
C GLU A 109 40.17 28.69 -4.93
N ASP A 110 40.18 27.66 -4.09
CA ASP A 110 40.07 26.31 -4.59
C ASP A 110 38.66 26.05 -5.11
N LEU A 111 38.56 25.17 -6.11
CA LEU A 111 37.27 24.80 -6.66
C LEU A 111 36.59 23.85 -5.68
N GLN A 112 35.49 24.32 -5.09
CA GLN A 112 34.75 23.52 -4.12
C GLN A 112 33.62 22.78 -4.82
N MET A 113 33.57 21.47 -4.60
CA MET A 113 32.55 20.62 -5.19
C MET A 113 31.72 19.97 -4.11
N LEU A 114 30.44 19.78 -4.40
CA LEU A 114 29.53 19.17 -3.43
C LEU A 114 29.81 17.68 -3.27
N ASP A 115 29.60 17.20 -2.05
CA ASP A 115 29.78 15.81 -1.69
C ASP A 115 28.48 15.36 -1.04
N ILE A 116 27.76 14.50 -1.73
CA ILE A 116 26.40 14.11 -1.37
C ILE A 116 26.41 12.63 -1.02
N HIS A 117 25.88 12.30 0.16
CA HIS A 117 25.86 10.92 0.61
C HIS A 117 25.02 10.06 -0.35
N GLY A 118 25.57 8.91 -0.72
CA GLY A 118 24.91 8.01 -1.64
C GLY A 118 25.11 8.32 -3.10
N VAL A 119 25.62 9.50 -3.43
CA VAL A 119 25.91 9.91 -4.79
C VAL A 119 27.42 9.92 -4.94
N GLU A 120 27.96 9.03 -5.75
CA GLU A 120 29.41 8.93 -5.88
C GLU A 120 29.98 10.21 -6.49
N LYS A 121 31.16 10.60 -6.00
CA LYS A 121 31.77 11.85 -6.44
C LYS A 121 32.17 11.82 -7.90
N SER A 122 32.38 10.63 -8.47
CA SER A 122 32.71 10.55 -9.90
C SER A 122 31.57 11.08 -10.75
N TRP A 123 30.33 10.77 -10.38
CA TRP A 123 29.18 11.25 -11.15
C TRP A 123 29.10 12.78 -11.13
N VAL A 124 29.23 13.37 -9.95
CA VAL A 124 29.16 14.83 -9.85
C VAL A 124 30.30 15.48 -10.61
N GLU A 125 31.51 14.91 -10.48
CA GLU A 125 32.66 15.46 -11.18
C GLU A 125 32.47 15.37 -12.70
N GLU A 126 31.93 14.26 -13.20
CA GLU A 126 31.77 14.12 -14.64
C GLU A 126 30.65 15.01 -15.16
N ILE A 127 29.58 15.18 -14.40
CA ILE A 127 28.53 16.13 -14.80
C ILE A 127 29.11 17.54 -14.87
N ASP A 128 29.90 17.93 -13.86
CA ASP A 128 30.49 19.26 -13.82
C ASP A 128 31.42 19.48 -14.99
N LYS A 129 32.32 18.53 -15.24
CA LYS A 129 33.28 18.68 -16.34
C LYS A 129 32.59 18.68 -17.69
N GLU A 130 31.57 17.84 -17.88
CA GLU A 130 30.84 17.81 -19.14
C GLU A 130 30.14 19.14 -19.39
N ALA A 131 29.47 19.68 -18.36
CA ALA A 131 28.80 20.96 -18.53
C ALA A 131 29.81 22.08 -18.79
N ARG A 132 30.96 22.03 -18.13
CA ARG A 132 31.98 23.05 -18.37
C ARG A 132 32.51 22.97 -19.80
N LYS A 133 32.74 21.75 -20.30
CA LYS A 133 33.17 21.61 -21.69
C LYS A 133 32.10 22.12 -22.65
N THR A 134 30.83 21.86 -22.35
CA THR A 134 29.75 22.34 -23.20
C THR A 134 29.72 23.86 -23.24
N MET A 135 29.88 24.50 -22.08
CA MET A 135 29.91 25.97 -22.09
C MET A 135 31.14 26.50 -22.81
N ALA A 136 32.27 25.82 -22.68
CA ALA A 136 33.46 26.24 -23.43
C ALA A 136 33.21 26.17 -24.93
N THR A 137 32.59 25.09 -25.39
CA THR A 137 32.27 24.96 -26.82
C THR A 137 31.29 26.03 -27.27
N LEU A 138 30.26 26.30 -26.45
CA LEU A 138 29.28 27.30 -26.84
C LEU A 138 29.90 28.70 -26.89
N LEU A 139 30.76 29.04 -25.94
CA LEU A 139 31.43 30.33 -25.98
C LEU A 139 32.38 30.42 -27.17
N LYS A 140 33.07 29.33 -27.50
CA LYS A 140 33.95 29.36 -28.66
C LYS A 140 33.16 29.55 -29.95
N GLU A 141 32.01 28.89 -30.07
CA GLU A 141 31.20 29.02 -31.28
C GLU A 141 30.53 30.39 -31.35
N SER A 142 29.96 30.85 -30.25
CA SER A 142 29.27 32.13 -30.19
C SER A 142 29.79 32.94 -29.02
N SER A 143 30.19 34.18 -29.28
CA SER A 143 30.75 35.07 -28.27
C SER A 143 29.72 36.12 -27.89
N GLY A 144 29.49 36.27 -26.59
CA GLY A 144 28.53 37.24 -26.10
C GLY A 144 27.08 36.90 -26.35
N ASN A 145 26.79 35.65 -26.73
CA ASN A 145 25.44 35.23 -27.05
C ASN A 145 24.79 34.44 -25.92
N ILE A 146 25.39 34.43 -24.74
CA ILE A 146 24.87 33.65 -23.62
C ILE A 146 24.23 34.58 -22.60
N PRO A 147 22.89 34.64 -22.54
CA PRO A 147 22.24 35.43 -21.50
C PRO A 147 22.29 34.73 -20.16
N GLN A 148 21.64 35.31 -19.14
CA GLN A 148 21.62 34.66 -17.83
C GLN A 148 20.72 33.44 -17.82
N ASN A 149 19.55 33.53 -18.47
CA ASN A 149 18.60 32.43 -18.41
C ASN A 149 18.99 31.24 -19.27
N GLN A 150 20.15 31.28 -19.92
CA GLN A 150 20.65 30.14 -20.67
C GLN A 150 21.89 29.52 -20.02
N ARG A 151 22.13 29.83 -18.75
CA ARG A 151 23.26 29.38 -17.98
C ARG A 151 22.85 28.38 -16.91
N PRO A 152 23.78 27.55 -16.42
CA PRO A 152 23.44 26.63 -15.33
C PRO A 152 23.17 27.32 -14.00
N SER A 153 23.66 28.54 -13.81
CA SER A 153 23.51 29.25 -12.55
C SER A 153 22.20 30.02 -12.47
N ALA A 154 21.33 29.85 -13.46
CA ALA A 154 20.01 30.48 -13.39
C ALA A 154 19.25 29.92 -12.19
N PRO A 155 18.57 30.77 -11.41
CA PRO A 155 17.95 30.30 -10.17
C PRO A 155 16.84 29.28 -10.35
N ASP A 156 16.25 29.17 -11.54
CA ASP A 156 15.09 28.29 -11.72
C ASP A 156 15.43 26.93 -12.31
N THR A 157 16.71 26.64 -12.56
CA THR A 157 17.09 25.32 -13.04
C THR A 157 16.68 24.19 -12.09
N PRO A 158 16.84 24.30 -10.76
CA PRO A 158 16.28 23.26 -9.89
C PRO A 158 14.79 23.10 -10.06
N ILE A 159 14.07 24.21 -10.29
CA ILE A 159 12.62 24.13 -10.45
C ILE A 159 12.25 23.49 -11.78
N ILE A 160 13.07 23.65 -12.81
CA ILE A 160 12.82 22.95 -14.07
C ILE A 160 13.03 21.45 -13.92
N LEU A 161 14.13 21.06 -13.26
CA LEU A 161 14.35 19.66 -12.95
C LEU A 161 13.18 19.09 -12.15
N LEU A 162 12.75 19.81 -11.13
CA LEU A 162 11.64 19.36 -10.32
C LEU A 162 10.30 19.44 -11.05
N CYS A 163 10.20 20.23 -12.12
CA CYS A 163 9.00 20.21 -12.93
C CYS A 163 8.92 18.92 -13.75
N VAL A 164 10.05 18.48 -14.30
CA VAL A 164 10.08 17.14 -14.89
C VAL A 164 9.75 16.09 -13.83
N GLY A 165 10.26 16.30 -12.61
CA GLY A 165 9.94 15.38 -11.52
C GLY A 165 8.46 15.37 -11.18
N ALA A 166 7.81 16.53 -11.21
CA ALA A 166 6.37 16.61 -10.93
C ALA A 166 5.56 15.98 -12.06
N LEU A 167 6.02 16.12 -13.30
CA LEU A 167 5.38 15.43 -14.41
C LEU A 167 5.39 13.93 -14.19
N ILE A 168 6.56 13.38 -13.83
CA ILE A 168 6.60 11.93 -13.57
C ILE A 168 5.81 11.59 -12.31
N PHE A 169 5.71 12.53 -11.36
CA PHE A 169 4.96 12.30 -10.14
C PHE A 169 3.48 12.14 -10.41
N THR A 170 2.94 12.91 -11.36
CA THR A 170 1.51 12.84 -11.67
C THR A 170 1.09 11.44 -12.12
N LYS A 171 2.01 10.66 -12.67
CA LYS A 171 1.73 9.32 -13.17
C LYS A 171 2.38 8.24 -12.31
N LEU A 172 2.38 8.42 -11.00
CA LEU A 172 2.97 7.44 -10.10
C LEU A 172 2.04 6.27 -9.82
N ALA A 173 0.75 6.39 -10.13
CA ALA A 173 -0.18 5.27 -10.04
C ALA A 173 -0.24 4.46 -11.32
N SER A 174 0.38 4.93 -12.39
CA SER A 174 0.43 4.21 -13.65
C SER A 174 1.70 3.37 -13.72
N THR A 175 2.02 2.85 -14.89
CA THR A 175 3.24 2.08 -15.08
C THR A 175 4.38 2.99 -15.55
N ILE A 176 5.57 2.42 -15.63
CA ILE A 176 6.75 3.19 -15.99
C ILE A 176 6.69 3.63 -17.45
N GLU A 177 6.19 2.77 -18.34
CA GLU A 177 6.18 3.11 -19.76
C GLU A 177 5.19 4.23 -20.04
N VAL A 178 3.96 4.09 -19.53
CA VAL A 178 2.96 5.13 -19.71
C VAL A 178 3.40 6.43 -19.04
N GLY A 179 4.00 6.30 -17.85
CA GLY A 179 4.48 7.49 -17.16
C GLY A 179 5.57 8.22 -17.93
N LEU A 180 6.53 7.48 -18.47
CA LEU A 180 7.59 8.11 -19.25
C LEU A 180 7.06 8.75 -20.51
N GLU A 181 6.16 8.06 -21.23
CA GLU A 181 5.61 8.63 -22.45
C GLU A 181 4.80 9.89 -22.15
N THR A 182 3.98 9.85 -21.10
CA THR A 182 3.20 11.02 -20.71
C THR A 182 4.12 12.17 -20.31
N THR A 183 5.19 11.86 -19.57
CA THR A 183 6.11 12.91 -19.14
C THR A 183 6.78 13.57 -20.33
N VAL A 184 7.25 12.78 -21.28
CA VAL A 184 7.93 13.38 -22.44
C VAL A 184 6.95 14.21 -23.25
N ARG A 185 5.76 13.67 -23.50
CA ARG A 185 4.76 14.40 -24.29
C ARG A 185 4.37 15.71 -23.61
N ARG A 186 4.04 15.67 -22.33
CA ARG A 186 3.59 16.85 -21.62
C ARG A 186 4.73 17.82 -21.32
N ALA A 187 5.98 17.33 -21.27
CA ALA A 187 7.12 18.23 -21.10
C ALA A 187 7.46 18.97 -22.38
N ASN A 188 7.17 18.36 -23.54
CA ASN A 188 7.39 19.08 -24.79
C ASN A 188 6.55 20.35 -24.89
N ARG A 189 5.42 20.42 -24.17
CA ARG A 189 4.54 21.58 -24.18
C ARG A 189 4.64 22.42 -22.91
N VAL A 190 4.47 21.78 -21.76
CA VAL A 190 4.46 22.48 -20.48
C VAL A 190 5.81 23.14 -20.22
N LEU A 191 6.89 22.38 -20.39
CA LEU A 191 8.25 22.92 -20.26
C LEU A 191 8.82 23.30 -21.62
N SER A 192 8.09 24.14 -22.37
CA SER A 192 8.57 24.53 -23.69
C SER A 192 9.53 25.71 -23.61
N ASP A 193 9.28 26.66 -22.71
CA ASP A 193 10.21 27.77 -22.51
C ASP A 193 11.54 27.27 -21.94
N ALA A 194 11.48 26.39 -20.95
CA ALA A 194 12.69 25.81 -20.38
C ALA A 194 13.46 25.01 -21.42
N LEU A 195 12.75 24.23 -22.23
CA LEU A 195 13.42 23.48 -23.30
C LEU A 195 14.02 24.40 -24.34
N LYS A 196 13.42 25.57 -24.56
CA LYS A 196 14.01 26.52 -25.49
C LYS A 196 15.26 27.17 -24.90
N ARG A 197 15.28 27.39 -23.58
CA ARG A 197 16.49 27.89 -22.94
C ARG A 197 17.59 26.83 -22.91
N TYR A 198 17.23 25.59 -22.56
CA TYR A 198 18.17 24.47 -22.50
C TYR A 198 17.75 23.45 -23.54
N PRO A 199 18.32 23.51 -24.75
CA PRO A 199 17.90 22.63 -25.84
C PRO A 199 18.44 21.21 -25.75
N ARG A 200 19.15 20.85 -24.68
CA ARG A 200 19.73 19.52 -24.58
C ARG A 200 19.56 18.93 -23.19
N MET A 201 18.47 19.25 -22.51
CA MET A 201 18.10 18.54 -21.30
C MET A 201 17.41 17.24 -21.67
N ASP A 202 17.94 16.12 -21.18
CA ASP A 202 17.45 14.80 -21.56
C ASP A 202 16.24 14.49 -20.68
N ILE A 203 15.07 14.95 -21.13
CA ILE A 203 13.86 14.75 -20.35
C ILE A 203 13.55 13.27 -20.12
N PRO A 204 13.64 12.37 -21.11
CA PRO A 204 13.37 10.96 -20.81
C PRO A 204 14.28 10.39 -19.72
N LYS A 205 15.56 10.73 -19.75
CA LYS A 205 16.49 10.16 -18.77
C LYS A 205 16.30 10.77 -17.39
N ILE A 206 16.05 12.08 -17.32
CA ILE A 206 15.74 12.71 -16.05
C ILE A 206 14.46 12.13 -15.46
N ALA A 207 13.44 11.92 -16.31
CA ALA A 207 12.19 11.37 -15.83
C ALA A 207 12.36 9.94 -15.34
N ARG A 208 13.17 9.14 -16.04
CA ARG A 208 13.46 7.79 -15.57
C ARG A 208 14.19 7.81 -14.24
N SER A 209 15.12 8.76 -14.07
CA SER A 209 15.81 8.92 -12.79
C SER A 209 14.83 9.26 -11.68
N PHE A 210 13.88 10.15 -11.96
CA PHE A 210 12.90 10.53 -10.95
C PHE A 210 12.00 9.37 -10.59
N TYR A 211 11.57 8.59 -11.59
CA TYR A 211 10.78 7.40 -11.31
C TYR A 211 11.55 6.41 -10.45
N ASP A 212 12.82 6.20 -10.77
CA ASP A 212 13.66 5.30 -9.97
C ASP A 212 13.75 5.78 -8.53
N LEU A 213 13.99 7.08 -8.33
CA LEU A 213 14.11 7.60 -6.98
C LEU A 213 12.80 7.49 -6.21
N PHE A 214 11.67 7.74 -6.88
CA PHE A 214 10.38 7.62 -6.20
C PHE A 214 10.07 6.18 -5.83
N GLU A 215 10.50 5.21 -6.64
CA GLU A 215 10.27 3.82 -6.30
C GLU A 215 11.19 3.36 -5.17
N GLN A 216 12.47 3.72 -5.23
CA GLN A 216 13.42 3.22 -4.24
C GLN A 216 13.18 3.85 -2.87
N LYS A 217 13.03 5.16 -2.81
CA LYS A 217 12.89 5.90 -1.56
C LYS A 217 11.48 6.45 -1.49
N VAL A 218 10.57 5.65 -0.94
CA VAL A 218 9.17 6.06 -0.87
C VAL A 218 8.99 7.27 0.03
N TYR A 219 9.78 7.38 1.10
CA TYR A 219 9.65 8.53 1.98
C TYR A 219 9.90 9.84 1.24
N HIS A 220 10.75 9.82 0.22
CA HIS A 220 11.01 11.02 -0.56
C HIS A 220 9.75 11.53 -1.23
N ARG A 221 8.83 10.64 -1.60
CA ARG A 221 7.52 11.07 -2.08
C ARG A 221 6.90 12.06 -1.11
N SER A 222 6.85 11.70 0.17
CA SER A 222 6.33 12.61 1.19
C SER A 222 7.12 13.92 1.18
N LEU A 223 8.45 13.82 1.12
CA LEU A 223 9.26 15.02 1.03
C LEU A 223 8.81 15.87 -0.16
N PHE A 224 8.67 15.24 -1.32
CA PHE A 224 8.18 15.94 -2.50
C PHE A 224 6.87 16.65 -2.20
N ILE A 225 5.93 15.95 -1.57
CA ILE A 225 4.63 16.53 -1.29
C ILE A 225 4.80 17.75 -0.40
N GLU A 226 5.65 17.65 0.63
CA GLU A 226 5.84 18.79 1.51
C GLU A 226 6.34 19.99 0.73
N TYR A 227 7.28 19.78 -0.20
CA TYR A 227 7.74 20.89 -1.02
C TYR A 227 6.57 21.55 -1.73
N GLY A 228 5.73 20.74 -2.36
CA GLY A 228 4.56 21.30 -3.01
C GLY A 228 3.70 22.08 -2.04
N LYS A 229 3.44 21.49 -0.87
CA LYS A 229 2.66 22.18 0.14
C LYS A 229 3.37 23.44 0.60
N ALA A 230 4.69 23.39 0.71
CA ALA A 230 5.44 24.56 1.12
C ALA A 230 5.54 25.59 -0.01
N LEU A 231 5.28 25.17 -1.24
CA LEU A 231 5.38 26.07 -2.38
C LEU A 231 4.05 26.76 -2.66
N GLY A 232 2.95 26.02 -2.61
CA GLY A 232 1.63 26.61 -2.76
C GLY A 232 1.23 27.50 -1.61
N SER A 233 1.97 27.47 -0.51
CA SER A 233 1.72 28.32 0.64
C SER A 233 2.56 29.59 0.64
N SER A 234 3.43 29.77 -0.34
CA SER A 234 4.25 30.97 -0.40
C SER A 234 3.43 32.16 -0.87
N SER A 235 3.84 33.36 -0.44
CA SER A 235 3.16 34.56 -0.86
C SER A 235 3.51 34.92 -2.31
N THR A 236 4.78 34.81 -2.67
CA THR A 236 5.22 35.07 -4.03
C THR A 236 6.00 33.89 -4.57
N GLY A 237 6.64 34.06 -5.71
CA GLY A 237 7.38 32.98 -6.33
C GLY A 237 7.69 33.34 -7.78
N SER A 238 8.23 32.35 -8.48
CA SER A 238 8.55 32.50 -9.89
C SER A 238 7.52 31.77 -10.74
N LYS A 239 7.59 31.99 -12.05
CA LYS A 239 6.68 31.30 -12.95
C LYS A 239 6.95 29.80 -12.96
N ALA A 240 8.21 29.40 -12.83
CA ALA A 240 8.52 27.98 -12.73
C ALA A 240 7.91 27.37 -11.48
N GLU A 241 7.94 28.10 -10.36
CA GLU A 241 7.33 27.59 -9.13
C GLU A 241 5.83 27.46 -9.25
N SER A 242 5.18 28.43 -9.91
CA SER A 242 3.74 28.33 -10.14
C SER A 242 3.42 27.14 -11.05
N LEU A 243 4.25 26.90 -12.06
CA LEU A 243 4.08 25.73 -12.92
C LEU A 243 4.25 24.43 -12.13
N PHE A 244 5.25 24.40 -11.23
CA PHE A 244 5.43 23.23 -10.40
C PHE A 244 4.21 22.97 -9.54
N VAL A 245 3.65 24.03 -8.94
CA VAL A 245 2.47 23.84 -8.10
C VAL A 245 1.27 23.43 -8.95
N ASN A 246 1.20 23.89 -10.19
CA ASN A 246 0.12 23.47 -11.09
C ASN A 246 0.21 21.97 -11.38
N ILE A 247 1.40 21.49 -11.73
CA ILE A 247 1.55 20.04 -11.97
C ILE A 247 1.32 19.25 -10.69
N PHE A 248 1.82 19.76 -9.56
CA PHE A 248 1.64 19.09 -8.28
C PHE A 248 0.16 18.96 -7.92
N MET A 249 -0.64 19.99 -8.23
CA MET A 249 -2.06 19.91 -7.99
C MET A 249 -2.75 19.00 -8.99
N GLN A 250 -2.21 18.92 -10.21
CA GLN A 250 -2.73 17.95 -11.18
C GLN A 250 -2.47 16.52 -10.75
N ALA A 251 -1.46 16.30 -9.90
CA ALA A 251 -1.18 14.97 -9.38
C ALA A 251 -2.12 14.55 -8.27
N TYR A 252 -3.00 15.44 -7.80
CA TYR A 252 -3.70 15.26 -6.54
C TYR A 252 -4.49 13.96 -6.47
N GLY A 253 -5.53 13.81 -7.26
CA GLY A 253 -6.40 12.66 -7.10
C GLY A 253 -5.90 11.39 -7.75
N ALA A 254 -4.58 11.25 -7.85
CA ALA A 254 -3.98 10.14 -8.58
C ALA A 254 -4.33 8.80 -7.92
N GLY A 255 -4.68 7.82 -8.76
CA GLY A 255 -5.05 6.51 -8.28
C GLY A 255 -6.48 6.37 -7.84
N GLN A 256 -7.33 7.36 -8.10
CA GLN A 256 -8.74 7.32 -7.72
C GLN A 256 -9.61 7.89 -8.83
N THR A 257 -9.35 7.52 -10.08
CA THR A 257 -10.15 8.09 -11.17
C THR A 257 -11.58 7.57 -11.17
N MET A 258 -11.85 6.43 -10.54
CA MET A 258 -13.21 5.91 -10.51
C MET A 258 -14.13 6.79 -9.66
N LEU A 259 -13.63 7.38 -8.57
CA LEU A 259 -14.46 8.28 -7.78
C LEU A 259 -14.86 9.51 -8.58
N ARG A 260 -13.88 10.12 -9.26
CA ARG A 260 -14.17 11.29 -10.07
C ARG A 260 -15.09 10.95 -11.22
N TRP A 261 -14.89 9.78 -11.84
CA TRP A 261 -15.75 9.41 -12.96
C TRP A 261 -17.14 9.01 -12.49
N GLY A 262 -17.28 8.53 -11.25
CA GLY A 262 -18.60 8.31 -10.70
C GLY A 262 -19.33 9.62 -10.45
N VAL A 263 -18.61 10.62 -9.95
CA VAL A 263 -19.21 11.95 -9.81
C VAL A 263 -19.63 12.49 -11.17
N ILE A 264 -18.82 12.25 -12.20
CA ILE A 264 -19.17 12.66 -13.55
C ILE A 264 -20.39 11.91 -14.05
N ALA A 265 -20.46 10.61 -13.77
CA ALA A 265 -21.61 9.81 -14.22
C ALA A 265 -22.89 10.29 -13.57
N ARG A 266 -22.83 10.62 -12.28
CA ARG A 266 -24.00 11.22 -11.62
C ARG A 266 -24.34 12.56 -12.24
N SER A 267 -23.34 13.39 -12.52
CA SER A 267 -23.58 14.72 -13.06
C SER A 267 -24.18 14.66 -14.46
N SER A 268 -23.90 13.61 -15.21
CA SER A 268 -24.43 13.47 -16.57
C SER A 268 -25.86 12.94 -16.59
N ASN A 269 -26.45 12.65 -15.43
CA ASN A 269 -27.80 12.11 -15.33
C ASN A 269 -27.93 10.81 -16.11
N ASN A 270 -26.92 9.96 -16.03
CA ASN A 270 -26.95 8.67 -16.70
C ASN A 270 -28.07 7.82 -16.12
N ILE A 271 -29.04 7.46 -16.96
CA ILE A 271 -30.22 6.76 -16.46
C ILE A 271 -29.90 5.31 -16.13
N MET A 272 -28.79 4.76 -16.62
CA MET A 272 -28.42 3.42 -16.23
C MET A 272 -27.95 3.36 -14.78
N LEU A 273 -27.75 4.51 -14.14
CA LEU A 273 -27.59 4.54 -12.69
C LEU A 273 -28.86 4.11 -11.97
N GLY A 274 -30.01 4.25 -12.62
CA GLY A 274 -31.28 3.79 -12.10
C GLY A 274 -31.54 2.32 -12.28
N HIS A 275 -30.61 1.60 -12.91
CA HIS A 275 -30.72 0.15 -13.02
C HIS A 275 -30.67 -0.49 -11.63
N VAL A 276 -31.44 -1.57 -11.46
CA VAL A 276 -31.58 -2.20 -10.15
C VAL A 276 -30.24 -2.70 -9.63
N SER A 277 -29.37 -3.17 -10.53
CA SER A 277 -28.06 -3.64 -10.10
C SER A 277 -27.24 -2.52 -9.48
N VAL A 278 -27.38 -1.31 -10.01
CA VAL A 278 -26.68 -0.15 -9.47
C VAL A 278 -27.30 0.30 -8.15
N GLN A 279 -28.63 0.21 -8.05
CA GLN A 279 -29.31 0.57 -6.81
C GLN A 279 -28.91 -0.37 -5.68
N ALA A 280 -28.68 -1.64 -5.99
CA ALA A 280 -28.26 -2.61 -4.98
C ALA A 280 -26.86 -2.30 -4.43
N GLU A 281 -26.10 -1.42 -5.07
CA GLU A 281 -24.75 -1.11 -4.66
C GLU A 281 -24.55 0.35 -4.26
N LEU A 282 -25.54 1.21 -4.52
CA LEU A 282 -25.39 2.63 -4.20
C LEU A 282 -25.11 2.86 -2.73
N LYS A 283 -25.53 1.94 -1.85
CA LYS A 283 -25.26 2.10 -0.42
C LYS A 283 -23.76 2.06 -0.15
N GLN A 284 -23.08 1.03 -0.65
CA GLN A 284 -21.64 0.94 -0.45
C GLN A 284 -20.90 2.01 -1.24
N VAL A 285 -21.43 2.42 -2.39
CA VAL A 285 -20.81 3.52 -3.14
C VAL A 285 -20.82 4.79 -2.30
N THR A 286 -21.99 5.14 -1.75
CA THR A 286 -22.09 6.30 -0.88
C THR A 286 -21.22 6.13 0.36
N GLU A 287 -21.04 4.91 0.84
CA GLU A 287 -20.17 4.70 1.99
C GLU A 287 -18.71 4.98 1.65
N VAL A 288 -18.28 4.61 0.44
CA VAL A 288 -16.92 4.94 0.00
C VAL A 288 -16.75 6.45 -0.11
N TYR A 289 -17.75 7.14 -0.68
CA TYR A 289 -17.65 8.60 -0.76
C TYR A 289 -17.67 9.24 0.62
N ASP A 290 -18.42 8.68 1.55
CA ASP A 290 -18.42 9.16 2.93
C ASP A 290 -17.06 8.95 3.58
N LEU A 291 -16.39 7.83 3.26
CA LEU A 291 -15.03 7.62 3.74
C LEU A 291 -14.09 8.68 3.18
N VAL A 292 -14.27 9.05 1.91
CA VAL A 292 -13.47 10.11 1.33
C VAL A 292 -13.68 11.42 2.09
N ARG A 293 -14.94 11.74 2.36
CA ARG A 293 -15.27 12.95 3.12
C ARG A 293 -14.68 12.92 4.52
N GLU A 294 -14.63 11.73 5.14
CA GLU A 294 -14.09 11.61 6.48
C GLU A 294 -12.57 11.77 6.50
N MET A 295 -11.88 11.14 5.55
CA MET A 295 -10.43 11.30 5.47
C MET A 295 -10.06 12.75 5.19
N GLY A 296 -10.81 13.41 4.31
CA GLY A 296 -10.60 14.82 4.06
C GLY A 296 -9.56 15.09 3.00
N PRO A 297 -8.88 16.23 3.09
CA PRO A 297 -7.94 16.64 2.03
C PRO A 297 -6.83 15.64 1.78
N GLU A 298 -6.37 14.93 2.80
CA GLU A 298 -5.27 13.99 2.63
C GLU A 298 -5.66 12.74 1.89
N SER A 299 -6.96 12.53 1.65
CA SER A 299 -7.40 11.33 0.94
C SER A 299 -6.88 11.31 -0.50
N GLY A 300 -6.76 12.47 -1.14
CA GLY A 300 -6.27 12.51 -2.50
C GLY A 300 -4.80 12.12 -2.61
N LEU A 301 -4.02 12.33 -1.56
CA LEU A 301 -2.61 12.03 -1.57
C LEU A 301 -2.31 10.60 -1.12
N LEU A 302 -3.34 9.78 -0.92
CA LEU A 302 -3.14 8.45 -0.37
C LEU A 302 -2.32 7.57 -1.30
N HIS A 303 -2.66 7.56 -2.59
CA HIS A 303 -1.95 6.73 -3.54
C HIS A 303 -0.60 7.32 -3.93
N LEU A 304 -0.48 8.65 -3.95
CA LEU A 304 0.81 9.27 -4.23
C LEU A 304 1.80 8.97 -3.11
N ARG A 305 1.37 9.11 -1.86
CA ARG A 305 2.20 8.73 -0.72
C ARG A 305 2.44 7.23 -0.67
N GLN A 306 1.69 6.46 -1.44
CA GLN A 306 1.74 5.00 -1.42
C GLN A 306 1.41 4.52 -0.02
N SER A 307 0.35 5.09 0.54
CA SER A 307 -0.09 4.75 1.88
C SER A 307 -0.75 3.37 1.85
N PRO A 308 -0.43 2.48 2.80
CA PRO A 308 -1.11 1.19 2.85
C PRO A 308 -2.60 1.31 3.09
N LYS A 309 -3.05 2.42 3.70
CA LYS A 309 -4.47 2.66 3.91
C LYS A 309 -5.22 2.79 2.59
N ALA A 310 -4.53 3.19 1.53
CA ALA A 310 -5.15 3.25 0.21
C ALA A 310 -5.63 1.87 -0.21
N GLY A 311 -6.81 1.83 -0.82
CA GLY A 311 -7.54 0.58 -1.05
C GLY A 311 -8.85 0.52 -0.31
N LEU A 312 -8.99 1.28 0.78
CA LEU A 312 -10.30 1.52 1.36
C LEU A 312 -11.15 2.39 0.44
N LEU A 313 -10.51 3.26 -0.33
CA LEU A 313 -11.20 4.12 -1.30
C LEU A 313 -11.58 3.38 -2.57
N SER A 314 -11.16 2.12 -2.71
CA SER A 314 -11.47 1.35 -3.89
C SER A 314 -12.97 1.13 -4.05
N LEU A 315 -13.48 1.35 -5.26
CA LEU A 315 -14.85 1.02 -5.62
C LEU A 315 -14.94 -0.28 -6.41
N ALA A 316 -14.01 -1.20 -6.17
CA ALA A 316 -13.92 -2.42 -6.95
C ALA A 316 -14.93 -3.48 -6.54
N ASN A 317 -15.62 -3.29 -5.41
CA ASN A 317 -16.64 -4.23 -4.96
C ASN A 317 -18.04 -3.78 -5.34
N CYS A 318 -18.16 -2.88 -6.31
CA CYS A 318 -19.45 -2.49 -6.88
C CYS A 318 -19.35 -2.63 -8.39
N PRO A 319 -19.32 -3.87 -8.89
CA PRO A 319 -19.06 -4.08 -10.31
C PRO A 319 -20.09 -3.44 -11.24
N ASN A 320 -21.35 -3.39 -10.84
CA ASN A 320 -22.37 -2.81 -11.72
C ASN A 320 -22.26 -1.30 -11.75
N PHE A 321 -22.03 -0.67 -10.60
CA PHE A 321 -21.78 0.76 -10.56
C PHE A 321 -20.52 1.11 -11.35
N ALA A 322 -19.46 0.32 -11.18
CA ALA A 322 -18.22 0.56 -11.93
C ALA A 322 -18.44 0.41 -13.43
N SER A 323 -19.21 -0.59 -13.83
CA SER A 323 -19.49 -0.79 -15.25
C SER A 323 -20.29 0.38 -15.83
N VAL A 324 -21.29 0.87 -15.10
CA VAL A 324 -22.05 2.01 -15.57
C VAL A 324 -21.17 3.26 -15.63
N VAL A 325 -20.30 3.45 -14.64
CA VAL A 325 -19.41 4.61 -14.62
C VAL A 325 -18.46 4.57 -15.81
N LEU A 326 -17.88 3.40 -16.09
CA LEU A 326 -16.97 3.28 -17.22
C LEU A 326 -17.70 3.44 -18.54
N GLY A 327 -18.95 2.95 -18.62
CA GLY A 327 -19.73 3.17 -19.82
C GLY A 327 -20.03 4.64 -20.05
N ASN A 328 -20.36 5.36 -18.98
CA ASN A 328 -20.60 6.79 -19.11
C ASN A 328 -19.32 7.53 -19.50
N ALA A 329 -18.18 7.11 -18.97
CA ALA A 329 -16.92 7.73 -19.38
C ALA A 329 -16.61 7.44 -20.84
N SER A 330 -16.91 6.23 -21.31
CA SER A 330 -16.64 5.88 -22.70
C SER A 330 -17.57 6.60 -23.66
N GLY A 331 -18.83 6.78 -23.26
CA GLY A 331 -19.77 7.47 -24.13
C GLY A 331 -19.43 8.93 -24.33
N LEU A 332 -18.92 9.58 -23.28
CA LEU A 332 -18.50 10.97 -23.35
C LEU A 332 -17.13 11.15 -24.01
N GLY A 333 -16.43 10.06 -24.31
CA GLY A 333 -15.09 10.16 -24.83
C GLY A 333 -14.03 10.40 -23.77
N ILE A 334 -14.41 10.38 -22.49
CA ILE A 334 -13.49 10.67 -21.41
C ILE A 334 -12.51 9.53 -21.20
N ILE A 335 -12.94 8.28 -21.43
CA ILE A 335 -12.21 7.12 -20.92
C ILE A 335 -10.81 7.05 -21.50
N GLY A 336 -10.65 7.43 -22.77
CA GLY A 336 -9.34 7.36 -23.38
C GLY A 336 -8.83 5.93 -23.44
N MET A 337 -7.71 5.67 -22.78
CA MET A 337 -7.09 4.37 -22.75
C MET A 337 -7.06 3.79 -21.33
N TYR A 338 -8.06 4.14 -20.52
CA TYR A 338 -8.14 3.62 -19.17
C TYR A 338 -8.28 2.11 -19.19
N ARG A 339 -7.45 1.43 -18.41
CA ARG A 339 -7.37 -0.03 -18.42
C ARG A 339 -8.18 -0.70 -17.32
N GLY A 340 -8.94 0.07 -16.55
CA GLY A 340 -9.78 -0.54 -15.52
C GLY A 340 -10.76 -1.52 -16.13
N ARG A 341 -10.86 -2.69 -15.50
CA ARG A 341 -11.69 -3.77 -16.05
C ARG A 341 -13.17 -3.45 -15.93
N VAL A 342 -13.93 -3.91 -16.91
CA VAL A 342 -15.37 -3.71 -16.97
C VAL A 342 -16.04 -5.05 -16.63
N PRO A 343 -16.62 -5.20 -15.45
CA PRO A 343 -17.26 -6.47 -15.10
C PRO A 343 -18.50 -6.78 -15.93
N ASN A 344 -19.45 -5.86 -15.98
CA ASN A 344 -20.71 -6.05 -16.68
C ASN A 344 -20.66 -5.35 -18.03
N THR A 345 -20.61 -6.13 -19.11
CA THR A 345 -20.53 -5.56 -20.44
C THR A 345 -21.85 -4.96 -20.89
N GLU A 346 -22.97 -5.57 -20.48
CA GLU A 346 -24.28 -5.04 -20.88
C GLU A 346 -24.53 -3.66 -20.30
N LEU A 347 -24.23 -3.46 -19.01
CA LEU A 347 -24.39 -2.14 -18.42
C LEU A 347 -23.41 -1.14 -19.02
N PHE A 348 -22.20 -1.59 -19.33
CA PHE A 348 -21.23 -0.72 -19.98
C PHE A 348 -21.75 -0.24 -21.33
N SER A 349 -22.28 -1.16 -22.13
CA SER A 349 -22.80 -0.80 -23.44
C SER A 349 -24.00 0.12 -23.33
N ALA A 350 -24.92 -0.17 -22.40
CA ALA A 350 -26.10 0.68 -22.25
C ALA A 350 -25.72 2.08 -21.79
N ALA A 351 -24.79 2.17 -20.82
CA ALA A 351 -24.35 3.46 -20.34
C ALA A 351 -23.61 4.24 -21.43
N GLU A 352 -22.80 3.55 -22.23
CA GLU A 352 -22.11 4.22 -23.33
C GLU A 352 -23.10 4.72 -24.38
N SER A 353 -24.11 3.92 -24.69
CA SER A 353 -25.12 4.36 -25.66
C SER A 353 -25.87 5.58 -25.15
N TYR A 354 -26.28 5.56 -23.89
CA TYR A 354 -26.99 6.71 -23.35
C TYR A 354 -26.10 7.94 -23.29
N ALA A 355 -24.83 7.76 -22.93
CA ALA A 355 -23.92 8.90 -22.85
C ALA A 355 -23.64 9.48 -24.23
N LYS A 356 -23.47 8.62 -25.24
CA LYS A 356 -23.30 9.10 -26.60
C LYS A 356 -24.52 9.87 -27.08
N SER A 357 -25.71 9.34 -26.82
CA SER A 357 -26.93 10.03 -27.23
C SER A 357 -27.07 11.37 -26.51
N LEU A 358 -26.74 11.40 -25.22
CA LEU A 358 -26.84 12.64 -24.46
C LEU A 358 -25.85 13.69 -24.94
N LYS A 359 -24.60 13.28 -25.17
CA LYS A 359 -23.57 14.23 -25.59
C LYS A 359 -23.82 14.74 -27.00
N GLU A 360 -24.23 13.85 -27.91
CA GLU A 360 -24.47 14.27 -29.29
C GLU A 360 -25.65 15.24 -29.37
N SER A 361 -26.73 14.95 -28.66
CA SER A 361 -27.90 15.79 -28.68
C SER A 361 -27.70 17.02 -27.78
N ASN A 362 -28.63 17.96 -27.88
CA ASN A 362 -28.61 19.17 -27.07
C ASN A 362 -29.99 19.40 -26.47
N LYS A 363 -30.00 20.01 -25.29
CA LYS A 363 -31.24 20.27 -24.56
C LYS A 363 -31.15 21.61 -23.86
N ILE A 364 -32.32 22.18 -23.55
CA ILE A 364 -32.43 23.44 -22.82
C ILE A 364 -33.26 23.18 -21.58
N ASN A 365 -32.74 23.57 -20.42
CA ASN A 365 -33.44 23.39 -19.16
C ASN A 365 -33.78 24.74 -18.54
N ASP C 1 41.77 25.86 -19.69
CA ASP C 1 41.06 26.80 -18.83
C ASP C 1 39.58 26.45 -18.71
N ILE C 2 39.27 25.16 -18.61
CA ILE C 2 37.84 24.73 -18.56
C ILE C 2 37.23 25.07 -17.21
N TYR C 3 38.02 25.04 -16.13
CA TYR C 3 37.44 25.26 -14.81
C TYR C 3 37.34 26.72 -14.43
N GLN C 4 37.80 27.65 -15.26
CA GLN C 4 37.67 29.07 -14.98
C GLN C 4 36.45 29.71 -15.64
N LEU C 5 35.57 28.92 -16.24
CA LEU C 5 34.36 29.49 -16.82
C LEU C 5 33.44 30.03 -15.72
N ILE C 6 32.64 31.03 -16.08
CA ILE C 6 31.84 31.75 -15.09
C ILE C 6 30.75 30.86 -14.52
N MET C 7 30.07 30.10 -15.39
CA MET C 7 28.91 29.29 -15.01
C MET C 7 27.83 30.13 -14.36
N MET D 1 -54.38 -4.65 27.73
CA MET D 1 -55.21 -4.17 26.64
C MET D 1 -54.42 -4.09 25.33
N SER D 2 -53.10 -4.05 25.45
CA SER D 2 -52.21 -4.08 24.29
C SER D 2 -50.99 -4.91 24.63
N LEU D 3 -50.43 -5.56 23.60
CA LEU D 3 -49.22 -6.36 23.75
C LEU D 3 -47.98 -5.55 23.41
N GLN D 4 -47.82 -4.41 24.08
CA GLN D 4 -46.68 -3.52 23.84
C GLN D 4 -45.55 -3.71 24.83
N GLY D 5 -45.85 -4.11 26.07
CA GLY D 5 -44.83 -4.31 27.07
C GLY D 5 -44.12 -5.64 27.04
N ILE D 6 -44.48 -6.53 26.12
CA ILE D 6 -43.86 -7.84 26.04
C ILE D 6 -42.59 -7.73 25.20
N HIS D 7 -41.45 -7.84 25.86
CA HIS D 7 -40.14 -7.60 25.26
C HIS D 7 -39.07 -8.08 26.24
N LEU D 8 -37.96 -8.59 25.71
CA LEU D 8 -36.94 -9.20 26.55
C LEU D 8 -35.55 -8.61 26.40
N SER D 9 -35.12 -8.27 25.18
CA SER D 9 -33.79 -7.71 24.96
C SER D 9 -32.69 -8.63 25.48
N ASP D 10 -32.82 -9.92 25.17
CA ASP D 10 -31.94 -10.92 25.78
C ASP D 10 -30.51 -10.85 25.28
N LEU D 11 -30.30 -10.50 24.01
CA LEU D 11 -28.95 -10.50 23.45
C LEU D 11 -28.12 -9.35 23.99
N SER D 12 -28.74 -8.18 24.13
CA SER D 12 -28.05 -7.07 24.78
C SER D 12 -27.71 -7.42 26.22
N TYR D 13 -28.59 -8.14 26.90
CA TYR D 13 -28.33 -8.56 28.27
C TYR D 13 -27.17 -9.53 28.34
N LYS D 14 -27.10 -10.47 27.40
CA LYS D 14 -25.97 -11.39 27.35
C LYS D 14 -24.67 -10.65 27.07
N HIS D 15 -24.70 -9.68 26.17
CA HIS D 15 -23.50 -8.91 25.88
C HIS D 15 -23.06 -8.09 27.10
N ALA D 16 -24.02 -7.51 27.82
CA ALA D 16 -23.68 -6.77 29.03
C ALA D 16 -23.17 -7.68 30.12
N ILE D 17 -23.65 -8.94 30.14
CA ILE D 17 -23.11 -9.92 31.09
C ILE D 17 -21.65 -10.21 30.77
N LEU D 18 -21.34 -10.53 29.52
CA LEU D 18 -19.98 -10.92 29.16
C LEU D 18 -19.02 -9.75 29.22
N LYS D 19 -19.46 -8.56 28.79
CA LYS D 19 -18.56 -7.42 28.68
C LYS D 19 -18.21 -6.85 30.04
N GLU D 20 -19.21 -6.69 30.91
CA GLU D 20 -19.02 -6.02 32.20
C GLU D 20 -18.56 -7.05 33.25
N SER D 21 -17.30 -7.46 33.11
CA SER D 21 -16.68 -8.41 34.03
C SER D 21 -15.52 -7.72 34.73
N GLN D 22 -15.49 -7.82 36.06
CA GLN D 22 -14.44 -7.17 36.85
C GLN D 22 -13.19 -8.01 36.98
N TYR D 23 -13.20 -9.26 36.50
CA TYR D 23 -12.08 -10.17 36.66
C TYR D 23 -11.53 -10.56 35.30
N THR D 24 -10.23 -10.39 35.11
CA THR D 24 -9.55 -10.85 33.91
C THR D 24 -9.13 -12.30 34.07
N ILE D 25 -8.88 -12.94 32.94
CA ILE D 25 -8.47 -14.34 32.90
C ILE D 25 -6.98 -14.41 32.60
N LYS D 26 -6.28 -15.31 33.31
CA LYS D 26 -4.85 -15.48 33.15
C LYS D 26 -4.57 -16.82 32.48
N ARG D 27 -3.79 -16.78 31.40
CA ARG D 27 -3.45 -17.98 30.66
C ARG D 27 -1.99 -17.90 30.22
N ASP D 28 -1.42 -19.06 29.91
CA ASP D 28 -0.04 -19.16 29.43
C ASP D 28 0.94 -18.62 30.45
N VAL D 29 0.67 -18.87 31.74
CA VAL D 29 1.45 -18.23 32.79
C VAL D 29 2.91 -18.67 32.77
N GLY D 30 3.15 -19.96 32.58
CA GLY D 30 4.51 -20.48 32.64
C GLY D 30 5.25 -20.50 31.32
N THR D 31 4.66 -19.97 30.26
CA THR D 31 5.19 -20.12 28.91
C THR D 31 6.04 -18.93 28.51
N THR D 32 6.79 -19.09 27.42
CA THR D 32 7.64 -18.05 26.87
C THR D 32 7.46 -18.02 25.35
N THR D 33 7.77 -16.86 24.77
CA THR D 33 7.74 -16.68 23.34
C THR D 33 8.91 -15.79 22.93
N ALA D 34 9.24 -15.82 21.65
CA ALA D 34 10.43 -15.14 21.14
C ALA D 34 10.05 -13.85 20.45
N VAL D 35 10.87 -12.82 20.63
CA VAL D 35 10.81 -11.60 19.84
C VAL D 35 12.22 -11.21 19.45
N THR D 36 12.32 -10.31 18.49
CA THR D 36 13.59 -9.81 18.00
C THR D 36 13.63 -8.29 18.15
N PRO D 37 14.68 -7.73 18.75
CA PRO D 37 14.76 -6.27 18.87
C PRO D 37 14.81 -5.62 17.49
N SER D 38 14.21 -4.42 17.41
CA SER D 38 14.06 -3.76 16.13
C SER D 38 15.40 -3.51 15.46
N SER D 39 16.47 -3.36 16.24
CA SER D 39 17.80 -3.11 15.71
C SER D 39 18.32 -4.26 14.88
N LEU D 40 17.68 -5.44 14.94
CA LEU D 40 18.07 -6.57 14.13
C LEU D 40 17.18 -6.74 12.91
N GLN D 41 16.42 -5.71 12.55
CA GLN D 41 15.50 -5.82 11.41
C GLN D 41 16.22 -6.28 10.16
N GLN D 42 17.34 -5.65 9.83
CA GLN D 42 18.14 -6.08 8.69
C GLN D 42 18.44 -7.57 8.78
N GLU D 43 18.93 -8.02 9.94
CA GLU D 43 19.30 -9.42 10.09
C GLU D 43 18.09 -10.33 9.95
N ILE D 44 16.90 -9.88 10.36
CA ILE D 44 15.75 -10.74 10.16
C ILE D 44 15.30 -10.68 8.71
N THR D 45 15.44 -9.52 8.07
CA THR D 45 15.02 -9.38 6.68
C THR D 45 15.70 -10.41 5.80
N LEU D 46 17.02 -10.51 5.93
CA LEU D 46 17.77 -11.54 5.21
C LEU D 46 17.16 -12.91 5.40
N LEU D 47 16.87 -13.28 6.65
CA LEU D 47 16.30 -14.60 6.89
C LEU D 47 14.94 -14.74 6.23
N CYS D 48 14.11 -13.70 6.31
CA CYS D 48 12.82 -13.75 5.67
C CYS D 48 12.94 -13.85 4.15
N GLY D 49 14.10 -13.53 3.60
CA GLY D 49 14.33 -13.68 2.19
C GLY D 49 15.00 -14.98 1.82
N GLU D 50 15.57 -15.68 2.81
CA GLU D 50 16.26 -16.93 2.53
C GLU D 50 15.32 -18.13 2.59
N ILE D 51 14.16 -17.98 3.24
CA ILE D 51 13.11 -18.98 3.10
C ILE D 51 12.44 -18.87 1.75
N LEU D 52 12.66 -17.77 1.03
CA LEU D 52 11.93 -17.49 -0.19
C LEU D 52 12.62 -18.00 -1.45
N TYR D 53 13.95 -17.96 -1.54
CA TYR D 53 14.58 -18.18 -2.84
C TYR D 53 15.28 -19.53 -2.91
N ALA D 54 15.01 -20.43 -1.98
CA ALA D 54 15.56 -21.77 -2.05
C ALA D 54 14.46 -22.77 -1.72
N LYS D 55 14.67 -24.01 -2.14
CA LYS D 55 13.72 -25.10 -1.91
C LYS D 55 14.19 -25.87 -0.69
N HIS D 56 13.43 -25.77 0.39
CA HIS D 56 13.82 -26.29 1.69
C HIS D 56 13.03 -27.55 2.01
N ALA D 57 13.69 -28.51 2.65
CA ALA D 57 13.00 -29.71 3.08
C ALA D 57 11.99 -29.42 4.19
N ASP D 58 12.26 -28.41 5.01
CA ASP D 58 11.44 -28.12 6.17
C ASP D 58 11.13 -26.63 6.23
N TYR D 59 9.85 -26.30 6.37
CA TYR D 59 9.36 -24.92 6.46
C TYR D 59 8.63 -24.69 7.77
N LYS D 60 9.09 -25.34 8.85
CA LYS D 60 8.33 -25.36 10.09
C LYS D 60 8.20 -23.96 10.70
N TYR D 61 9.29 -23.20 10.71
CA TYR D 61 9.36 -21.96 11.48
C TYR D 61 9.27 -20.70 10.62
N ALA D 62 8.78 -20.81 9.38
CA ALA D 62 8.69 -19.62 8.54
C ALA D 62 7.74 -18.60 9.13
N ALA D 63 6.61 -19.06 9.67
CA ALA D 63 5.67 -18.15 10.31
C ALA D 63 6.29 -17.49 11.52
N GLU D 64 7.12 -18.22 12.26
CA GLU D 64 7.83 -17.62 13.37
C GLU D 64 8.76 -16.51 12.91
N ILE D 65 9.44 -16.70 11.78
CA ILE D 65 10.32 -15.66 11.26
C ILE D 65 9.51 -14.45 10.82
N GLY D 66 8.33 -14.67 10.25
CA GLY D 66 7.46 -13.54 9.95
C GLY D 66 7.03 -12.78 11.19
N ILE D 67 6.71 -13.51 12.25
CA ILE D 67 6.37 -12.86 13.53
C ILE D 67 7.58 -12.12 14.10
N GLN D 68 8.78 -12.66 13.90
CA GLN D 68 9.99 -11.95 14.32
C GLN D 68 10.14 -10.64 13.58
N TYR D 69 9.86 -10.63 12.27
CA TYR D 69 9.87 -9.38 11.55
C TYR D 69 8.81 -8.41 12.07
N ILE D 70 7.62 -8.92 12.39
CA ILE D 70 6.58 -8.07 12.97
C ILE D 70 7.08 -7.46 14.28
N SER D 71 7.79 -8.26 15.08
CA SER D 71 8.35 -7.78 16.33
C SER D 71 9.38 -6.69 16.10
N THR D 72 10.25 -6.85 15.09
CA THR D 72 11.21 -5.80 14.78
C THR D 72 10.51 -4.54 14.28
N ALA D 73 9.42 -4.69 13.55
CA ALA D 73 8.71 -3.51 13.03
C ALA D 73 7.94 -2.80 14.13
N LEU D 74 7.47 -3.52 15.15
CA LEU D 74 6.72 -2.89 16.23
C LEU D 74 7.60 -2.55 17.43
N GLY D 75 8.57 -3.39 17.75
CA GLY D 75 9.41 -3.19 18.91
C GLY D 75 9.16 -4.29 19.93
N SER D 76 10.24 -4.77 20.55
CA SER D 76 10.13 -5.91 21.45
C SER D 76 9.30 -5.58 22.68
N GLU D 77 9.50 -4.41 23.27
CA GLU D 77 8.72 -4.04 24.45
C GLU D 77 7.26 -3.76 24.08
N ARG D 78 7.04 -3.16 22.91
CA ARG D 78 5.67 -2.90 22.48
C ARG D 78 4.96 -4.20 22.13
N VAL D 79 5.70 -5.18 21.59
CA VAL D 79 5.14 -6.49 21.31
C VAL D 79 4.80 -7.22 22.61
N GLN D 80 5.65 -7.08 23.63
CA GLN D 80 5.32 -7.65 24.94
C GLN D 80 4.05 -7.02 25.49
N GLN D 81 3.91 -5.70 25.35
CA GLN D 81 2.68 -5.04 25.78
C GLN D 81 1.47 -5.54 25.00
N ILE D 82 1.63 -5.77 23.70
CA ILE D 82 0.53 -6.27 22.88
C ILE D 82 0.11 -7.65 23.35
N LEU D 83 1.08 -8.54 23.58
CA LEU D 83 0.75 -9.90 24.00
C LEU D 83 0.14 -9.91 25.39
N ARG D 84 0.54 -8.98 26.25
CA ARG D 84 -0.10 -8.86 27.56
C ARG D 84 -1.55 -8.40 27.42
N ASN D 85 -1.79 -7.41 26.56
CA ASN D 85 -3.14 -6.88 26.38
C ASN D 85 -4.06 -7.86 25.68
N SER D 86 -3.51 -8.80 24.91
CA SER D 86 -4.35 -9.85 24.33
C SER D 86 -4.89 -10.80 25.39
N GLY D 87 -4.37 -10.73 26.61
CA GLY D 87 -4.81 -11.60 27.67
C GLY D 87 -3.94 -12.81 27.92
N SER D 88 -2.66 -12.74 27.58
CA SER D 88 -1.74 -13.86 27.72
C SER D 88 -0.58 -13.47 28.61
N GLU D 89 -0.11 -14.42 29.42
CA GLU D 89 1.01 -14.21 30.31
C GLU D 89 2.32 -14.74 29.73
N VAL D 90 2.39 -14.87 28.39
CA VAL D 90 3.60 -15.38 27.76
C VAL D 90 4.76 -14.43 28.05
N GLN D 91 5.90 -15.01 28.42
CA GLN D 91 7.08 -14.23 28.74
C GLN D 91 7.94 -14.09 27.48
N VAL D 92 7.95 -12.88 26.93
CA VAL D 92 8.80 -12.55 25.80
C VAL D 92 10.25 -12.89 26.07
N VAL D 93 10.90 -13.52 25.10
CA VAL D 93 12.33 -13.78 25.11
C VAL D 93 12.94 -13.05 23.91
N LEU D 94 14.19 -12.62 24.05
CA LEU D 94 14.82 -11.71 23.10
C LEU D 94 15.80 -12.46 22.20
N THR D 95 15.72 -12.19 20.90
CA THR D 95 16.61 -12.82 19.94
C THR D 95 18.04 -12.34 20.12
N ARG D 96 18.99 -13.26 20.04
CA ARG D 96 20.40 -12.96 20.27
C ARG D 96 21.22 -13.33 19.05
N THR D 97 22.05 -12.40 18.58
CA THR D 97 22.98 -12.72 17.50
C THR D 97 24.18 -13.47 18.05
N TYR D 98 24.51 -14.59 17.41
CA TYR D 98 25.64 -15.40 17.81
C TYR D 98 26.54 -15.65 16.62
N SER D 99 27.84 -15.72 16.87
CA SER D 99 28.80 -16.05 15.82
C SER D 99 28.67 -17.53 15.47
N LEU D 100 28.70 -17.82 14.17
CA LEU D 100 28.59 -19.22 13.74
C LEU D 100 29.78 -20.04 14.23
N GLY D 101 30.96 -19.48 14.18
CA GLY D 101 32.16 -20.17 14.60
C GLY D 101 33.37 -19.60 13.86
N LYS D 102 34.20 -20.51 13.35
CA LYS D 102 35.37 -20.11 12.59
C LYS D 102 35.01 -19.48 11.25
N ILE D 103 33.77 -19.66 10.79
CA ILE D 103 33.36 -19.12 9.50
C ILE D 103 33.33 -17.60 9.55
N LYS D 104 33.81 -16.97 8.48
CA LYS D 104 33.90 -15.53 8.38
C LYS D 104 33.20 -15.06 7.11
N ASN D 105 32.70 -13.83 7.14
CA ASN D 105 31.96 -13.28 6.02
C ASN D 105 32.90 -12.53 5.08
N ASN D 106 32.33 -11.83 4.11
CA ASN D 106 33.14 -11.10 3.13
C ASN D 106 33.84 -9.91 3.75
N LYS D 107 33.29 -9.33 4.80
CA LYS D 107 33.86 -8.13 5.42
C LYS D 107 35.02 -8.43 6.35
N GLY D 108 35.35 -9.70 6.57
CA GLY D 108 36.42 -10.07 7.47
C GLY D 108 36.02 -10.20 8.92
N GLU D 109 34.73 -10.11 9.23
CA GLU D 109 34.22 -10.28 10.57
C GLU D 109 33.59 -11.65 10.73
N ASP D 110 33.31 -12.03 11.97
CA ASP D 110 32.62 -13.28 12.23
C ASP D 110 31.18 -13.20 11.73
N LEU D 111 30.74 -14.27 11.07
CA LEU D 111 29.38 -14.31 10.52
C LEU D 111 28.38 -14.43 11.66
N GLN D 112 27.62 -13.36 11.89
CA GLN D 112 26.65 -13.33 12.96
C GLN D 112 25.29 -13.79 12.44
N MET D 113 24.69 -14.76 13.12
CA MET D 113 23.38 -15.26 12.76
C MET D 113 22.42 -15.14 13.94
N LEU D 114 21.14 -15.09 13.60
CA LEU D 114 20.11 -14.90 14.60
C LEU D 114 19.89 -16.17 15.42
N ASP D 115 19.60 -15.98 16.70
CA ASP D 115 19.24 -17.05 17.62
C ASP D 115 17.88 -16.69 18.19
N ILE D 116 16.86 -17.39 17.73
CA ILE D 116 15.47 -17.13 18.07
C ILE D 116 15.03 -18.19 19.08
N HIS D 117 14.29 -17.76 20.09
CA HIS D 117 13.82 -18.70 21.11
C HIS D 117 12.76 -19.62 20.51
N GLY D 118 12.88 -20.91 20.83
CA GLY D 118 11.94 -21.90 20.34
C GLY D 118 12.23 -22.41 18.95
N VAL D 119 13.14 -21.77 18.22
CA VAL D 119 13.56 -22.21 16.90
C VAL D 119 14.93 -22.86 17.05
N GLU D 120 15.04 -24.14 16.71
CA GLU D 120 16.34 -24.79 16.76
C GLU D 120 17.31 -24.06 15.86
N LYS D 121 18.54 -23.86 16.36
CA LYS D 121 19.53 -23.19 15.55
C LYS D 121 19.87 -24.00 14.31
N SER D 122 19.71 -25.33 14.38
CA SER D 122 20.01 -26.17 13.22
C SER D 122 19.09 -25.84 12.06
N TRP D 123 17.82 -25.53 12.34
CA TRP D 123 16.91 -25.11 11.28
C TRP D 123 17.40 -23.83 10.59
N VAL D 124 17.84 -22.85 11.38
CA VAL D 124 18.34 -21.60 10.80
C VAL D 124 19.61 -21.86 9.99
N GLU D 125 20.51 -22.69 10.52
CA GLU D 125 21.72 -23.03 9.78
C GLU D 125 21.39 -23.71 8.45
N GLU D 126 20.43 -24.63 8.45
CA GLU D 126 20.12 -25.34 7.22
C GLU D 126 19.42 -24.44 6.22
N ILE D 127 18.55 -23.53 6.69
CA ILE D 127 17.91 -22.58 5.79
C ILE D 127 18.98 -21.69 5.16
N ASP D 128 19.88 -21.17 5.98
CA ASP D 128 20.94 -20.29 5.46
C ASP D 128 21.87 -21.03 4.52
N LYS D 129 22.26 -22.26 4.86
CA LYS D 129 23.16 -23.03 4.01
C LYS D 129 22.50 -23.38 2.69
N GLU D 130 21.24 -23.80 2.71
CA GLU D 130 20.55 -24.11 1.47
C GLU D 130 20.40 -22.87 0.60
N ALA D 131 20.08 -21.73 1.21
CA ALA D 131 19.95 -20.50 0.43
C ALA D 131 21.29 -20.10 -0.19
N ARG D 132 22.38 -20.22 0.58
CA ARG D 132 23.70 -19.87 0.05
C ARG D 132 24.09 -20.81 -1.08
N LYS D 133 23.81 -22.11 -0.93
CA LYS D 133 24.11 -23.07 -1.99
C LYS D 133 23.30 -22.77 -3.24
N THR D 134 22.02 -22.42 -3.07
CA THR D 134 21.17 -22.10 -4.21
C THR D 134 21.68 -20.88 -4.96
N MET D 135 22.06 -19.82 -4.23
CA MET D 135 22.58 -18.65 -4.91
C MET D 135 23.93 -18.92 -5.56
N ALA D 136 24.76 -19.76 -4.93
CA ALA D 136 26.02 -20.14 -5.56
C ALA D 136 25.78 -20.86 -6.88
N THR D 137 24.81 -21.78 -6.91
CA THR D 137 24.47 -22.47 -8.15
C THR D 137 23.94 -21.49 -9.19
N LEU D 138 23.08 -20.56 -8.77
CA LEU D 138 22.50 -19.62 -9.74
C LEU D 138 23.56 -18.70 -10.33
N LEU D 139 24.51 -18.25 -9.52
CA LEU D 139 25.60 -17.44 -10.07
C LEU D 139 26.56 -18.27 -10.90
N LYS D 140 26.68 -19.57 -10.61
CA LYS D 140 27.43 -20.44 -11.50
C LYS D 140 26.76 -20.55 -12.87
N GLU D 141 25.43 -20.61 -12.89
CA GLU D 141 24.71 -20.67 -14.15
C GLU D 141 24.84 -19.35 -14.93
N SER D 142 24.58 -18.23 -14.26
CA SER D 142 24.64 -16.92 -14.90
C SER D 142 25.43 -15.96 -14.05
N SER D 143 26.28 -15.16 -14.68
CA SER D 143 27.16 -14.24 -13.98
C SER D 143 26.60 -12.82 -14.06
N GLY D 144 26.47 -12.18 -12.90
CA GLY D 144 26.00 -10.81 -12.86
C GLY D 144 24.56 -10.61 -13.27
N ASN D 145 23.75 -11.67 -13.25
CA ASN D 145 22.37 -11.62 -13.68
C ASN D 145 21.38 -11.55 -12.52
N ILE D 146 21.85 -11.28 -11.31
CA ILE D 146 20.98 -11.27 -10.14
C ILE D 146 20.82 -9.84 -9.62
N PRO D 147 19.74 -9.15 -9.97
CA PRO D 147 19.52 -7.80 -9.45
C PRO D 147 19.15 -7.82 -7.97
N GLN D 148 18.90 -6.64 -7.40
CA GLN D 148 18.56 -6.57 -5.98
C GLN D 148 17.23 -7.25 -5.70
N ASN D 149 16.25 -7.07 -6.60
CA ASN D 149 14.91 -7.57 -6.34
C ASN D 149 14.82 -9.09 -6.34
N GLN D 150 15.83 -9.79 -6.83
CA GLN D 150 15.86 -11.25 -6.75
C GLN D 150 16.78 -11.75 -5.65
N ARG D 151 17.19 -10.90 -4.75
CA ARG D 151 18.06 -11.30 -3.66
C ARG D 151 17.28 -11.40 -2.36
N PRO D 152 17.72 -12.27 -1.44
CA PRO D 152 17.03 -12.39 -0.15
C PRO D 152 17.09 -11.13 0.69
N SER D 153 18.08 -10.27 0.51
CA SER D 153 18.23 -9.08 1.32
C SER D 153 17.27 -7.96 0.93
N ALA D 154 16.36 -8.21 -0.01
CA ALA D 154 15.39 -7.21 -0.39
C ALA D 154 14.53 -6.84 0.81
N PRO D 155 14.25 -5.55 1.03
CA PRO D 155 13.50 -5.15 2.23
C PRO D 155 12.08 -5.69 2.30
N ASP D 156 11.50 -6.09 1.18
CA ASP D 156 10.11 -6.50 1.14
C ASP D 156 9.90 -8.00 1.27
N THR D 157 10.98 -8.79 1.29
CA THR D 157 10.83 -10.23 1.48
C THR D 157 10.10 -10.60 2.77
N PRO D 158 10.36 -9.96 3.93
CA PRO D 158 9.50 -10.24 5.08
C PRO D 158 8.04 -9.93 4.81
N ILE D 159 7.78 -8.88 4.04
CA ILE D 159 6.40 -8.55 3.71
C ILE D 159 5.79 -9.59 2.78
N ILE D 160 6.58 -10.18 1.89
CA ILE D 160 6.06 -11.25 1.03
C ILE D 160 5.69 -12.47 1.88
N LEU D 161 6.57 -12.84 2.81
CA LEU D 161 6.26 -13.94 3.72
C LEU D 161 4.99 -13.64 4.52
N LEU D 162 4.89 -12.42 5.02
CA LEU D 162 3.71 -12.03 5.79
C LEU D 162 2.47 -11.90 4.92
N CYS D 163 2.62 -11.69 3.62
CA CYS D 163 1.44 -11.69 2.74
C CYS D 163 0.92 -13.10 2.51
N VAL D 164 1.82 -14.08 2.40
CA VAL D 164 1.35 -15.47 2.42
C VAL D 164 0.64 -15.77 3.74
N GLY D 165 1.21 -15.28 4.84
CA GLY D 165 0.56 -15.43 6.14
C GLY D 165 -0.80 -14.76 6.22
N ALA D 166 -0.93 -13.59 5.61
CA ALA D 166 -2.21 -12.89 5.61
C ALA D 166 -3.24 -13.58 4.73
N LEU D 167 -2.79 -14.20 3.64
CA LEU D 167 -3.69 -15.01 2.84
C LEU D 167 -4.24 -16.18 3.65
N ILE D 168 -3.38 -16.85 4.43
CA ILE D 168 -3.89 -17.92 5.28
C ILE D 168 -4.71 -17.35 6.44
N PHE D 169 -4.48 -16.09 6.80
CA PHE D 169 -5.24 -15.44 7.87
C PHE D 169 -6.67 -15.15 7.44
N THR D 170 -6.86 -14.81 6.17
CA THR D 170 -8.21 -14.53 5.68
C THR D 170 -9.14 -15.74 5.81
N LYS D 171 -8.59 -16.94 5.83
CA LYS D 171 -9.35 -18.17 5.87
C LYS D 171 -9.22 -18.89 7.21
N LEU D 172 -9.21 -18.13 8.31
CA LEU D 172 -9.04 -18.72 9.63
C LEU D 172 -10.34 -19.20 10.25
N ALA D 173 -11.50 -18.78 9.72
CA ALA D 173 -12.78 -19.32 10.13
C ALA D 173 -13.18 -20.53 9.29
N SER D 174 -12.40 -20.87 8.28
CA SER D 174 -12.64 -22.03 7.44
C SER D 174 -11.84 -23.22 8.00
N THR D 175 -11.75 -24.29 7.23
CA THR D 175 -10.94 -25.43 7.61
C THR D 175 -9.53 -25.29 7.02
N ILE D 176 -8.66 -26.22 7.41
CA ILE D 176 -7.26 -26.15 6.97
C ILE D 176 -7.15 -26.45 5.48
N GLU D 177 -7.94 -27.39 4.97
CA GLU D 177 -7.86 -27.76 3.56
C GLU D 177 -8.35 -26.64 2.66
N VAL D 178 -9.52 -26.09 2.98
CA VAL D 178 -10.06 -25.00 2.19
C VAL D 178 -9.15 -23.77 2.28
N GLY D 179 -8.63 -23.50 3.48
CA GLY D 179 -7.71 -22.39 3.63
C GLY D 179 -6.44 -22.55 2.82
N LEU D 180 -5.87 -23.76 2.81
CA LEU D 180 -4.65 -23.99 2.04
C LEU D 180 -4.92 -23.87 0.55
N GLU D 181 -6.01 -24.47 0.07
CA GLU D 181 -6.34 -24.35 -1.34
C GLU D 181 -6.57 -22.90 -1.75
N THR D 182 -7.30 -22.15 -0.93
CA THR D 182 -7.54 -20.74 -1.22
C THR D 182 -6.25 -19.95 -1.22
N THR D 183 -5.37 -20.22 -0.26
CA THR D 183 -4.12 -19.48 -0.19
C THR D 183 -3.25 -19.74 -1.41
N VAL D 184 -3.12 -21.00 -1.81
CA VAL D 184 -2.31 -21.31 -2.99
C VAL D 184 -2.93 -20.67 -4.23
N ARG D 185 -4.24 -20.83 -4.41
CA ARG D 185 -4.90 -20.29 -5.60
C ARG D 185 -4.77 -18.78 -5.68
N ARG D 186 -5.00 -18.09 -4.57
CA ARG D 186 -4.94 -16.64 -4.56
C ARG D 186 -3.52 -16.12 -4.59
N ALA D 187 -2.55 -16.88 -4.07
CA ALA D 187 -1.16 -16.45 -4.10
C ALA D 187 -0.54 -16.62 -5.47
N ASN D 188 -1.05 -17.56 -6.27
CA ASN D 188 -0.56 -17.67 -7.65
C ASN D 188 -0.83 -16.40 -8.43
N ARG D 189 -1.89 -15.66 -8.09
CA ARG D 189 -2.26 -14.42 -8.76
C ARG D 189 -1.76 -13.18 -8.05
N VAL D 190 -2.07 -13.06 -6.76
CA VAL D 190 -1.80 -11.85 -6.01
C VAL D 190 -0.30 -11.66 -5.80
N LEU D 191 0.39 -12.71 -5.40
CA LEU D 191 1.84 -12.68 -5.21
C LEU D 191 2.54 -13.21 -6.46
N SER D 192 2.25 -12.58 -7.59
CA SER D 192 2.81 -13.01 -8.87
C SER D 192 4.16 -12.35 -9.15
N ASP D 193 4.31 -11.07 -8.80
CA ASP D 193 5.60 -10.42 -8.94
C ASP D 193 6.65 -11.08 -8.04
N ALA D 194 6.26 -11.40 -6.81
CA ALA D 194 7.16 -12.11 -5.91
C ALA D 194 7.51 -13.48 -6.44
N LEU D 195 6.53 -14.21 -6.97
CA LEU D 195 6.78 -15.53 -7.53
C LEU D 195 7.63 -15.47 -8.79
N LYS D 196 7.62 -14.35 -9.50
CA LYS D 196 8.58 -14.17 -10.59
C LYS D 196 9.97 -13.87 -10.07
N ARG D 197 10.08 -12.99 -9.05
CA ARG D 197 11.37 -12.71 -8.45
C ARG D 197 11.93 -13.94 -7.73
N TYR D 198 11.08 -14.68 -7.02
CA TYR D 198 11.50 -15.83 -6.24
C TYR D 198 10.76 -17.05 -6.76
N PRO D 199 11.28 -17.70 -7.81
CA PRO D 199 10.53 -18.78 -8.46
C PRO D 199 10.44 -20.06 -7.68
N ARG D 200 10.99 -20.12 -6.46
CA ARG D 200 11.00 -21.39 -5.74
C ARG D 200 10.65 -21.21 -4.27
N MET D 201 9.72 -20.31 -3.96
CA MET D 201 9.15 -20.25 -2.63
C MET D 201 7.95 -21.19 -2.55
N ASP D 202 7.98 -22.09 -1.58
CA ASP D 202 6.96 -23.13 -1.44
C ASP D 202 5.80 -22.54 -0.68
N ILE D 203 4.86 -21.95 -1.43
CA ILE D 203 3.69 -21.33 -0.81
C ILE D 203 2.86 -22.30 0.00
N PRO D 204 2.59 -23.53 -0.44
CA PRO D 204 1.82 -24.46 0.42
C PRO D 204 2.47 -24.71 1.77
N LYS D 205 3.79 -24.87 1.81
CA LYS D 205 4.46 -25.19 3.07
C LYS D 205 4.52 -23.98 3.99
N ILE D 206 4.76 -22.80 3.43
CA ILE D 206 4.75 -21.58 4.23
C ILE D 206 3.34 -21.32 4.76
N ALA D 207 2.32 -21.59 3.95
CA ALA D 207 0.95 -21.39 4.39
C ALA D 207 0.57 -22.38 5.48
N ARG D 208 1.02 -23.63 5.37
CA ARG D 208 0.79 -24.59 6.44
C ARG D 208 1.51 -24.18 7.73
N SER D 209 2.73 -23.64 7.59
CA SER D 209 3.44 -23.12 8.76
C SER D 209 2.66 -22.00 9.43
N PHE D 210 2.11 -21.08 8.64
CA PHE D 210 1.36 -19.97 9.20
C PHE D 210 0.07 -20.44 9.85
N TYR D 211 -0.61 -21.40 9.23
CA TYR D 211 -1.81 -21.97 9.84
C TYR D 211 -1.49 -22.63 11.16
N ASP D 212 -0.39 -23.40 11.22
CA ASP D 212 0.03 -23.98 12.48
C ASP D 212 0.25 -22.89 13.53
N LEU D 213 1.08 -21.89 13.20
CA LEU D 213 1.39 -20.83 14.15
C LEU D 213 0.13 -20.17 14.68
N PHE D 214 -0.84 -19.92 13.80
CA PHE D 214 -2.10 -19.32 14.24
C PHE D 214 -2.94 -20.29 15.05
N GLU D 215 -2.68 -21.59 14.95
CA GLU D 215 -3.37 -22.53 15.81
C GLU D 215 -2.76 -22.59 17.21
N GLN D 216 -1.46 -22.88 17.33
CA GLN D 216 -0.89 -23.00 18.67
C GLN D 216 -0.85 -21.66 19.39
N LYS D 217 -0.34 -20.62 18.75
CA LYS D 217 -0.14 -19.33 19.42
C LYS D 217 -1.25 -18.37 18.99
N VAL D 218 -2.37 -18.43 19.72
CA VAL D 218 -3.52 -17.60 19.39
C VAL D 218 -3.22 -16.14 19.62
N TYR D 219 -2.43 -15.83 20.66
CA TYR D 219 -2.07 -14.44 20.92
C TYR D 219 -1.37 -13.79 19.74
N HIS D 220 -0.61 -14.59 18.97
CA HIS D 220 0.06 -14.04 17.80
C HIS D 220 -0.93 -13.51 16.77
N ARG D 221 -2.14 -14.08 16.72
CA ARG D 221 -3.20 -13.48 15.91
C ARG D 221 -3.35 -12.01 16.25
N SER D 222 -3.48 -11.71 17.55
CA SER D 222 -3.55 -10.33 18.00
C SER D 222 -2.34 -9.55 17.48
N LEU D 223 -1.16 -10.11 17.63
CA LEU D 223 0.05 -9.45 17.14
C LEU D 223 -0.09 -9.17 15.65
N PHE D 224 -0.49 -10.19 14.88
CA PHE D 224 -0.74 -10.01 13.47
C PHE D 224 -1.66 -8.83 13.23
N ILE D 225 -2.78 -8.80 13.96
CA ILE D 225 -3.76 -7.73 13.76
C ILE D 225 -3.12 -6.38 14.05
N GLU D 226 -2.34 -6.28 15.14
CA GLU D 226 -1.71 -5.01 15.45
C GLU D 226 -0.82 -4.57 14.30
N TYR D 227 -0.07 -5.50 13.71
CA TYR D 227 0.75 -5.15 12.57
C TYR D 227 -0.08 -4.48 11.49
N GLY D 228 -1.21 -5.10 11.14
CA GLY D 228 -2.08 -4.48 10.15
C GLY D 228 -2.51 -3.10 10.59
N LYS D 229 -2.93 -2.98 11.86
CA LYS D 229 -3.31 -1.67 12.38
C LYS D 229 -2.14 -0.71 12.32
N ALA D 230 -0.94 -1.18 12.68
CA ALA D 230 0.23 -0.33 12.63
C ALA D 230 0.67 -0.04 11.21
N LEU D 231 0.25 -0.89 10.26
CA LEU D 231 0.76 -0.73 8.91
C LEU D 231 -0.15 0.14 8.06
N GLY D 232 -1.46 0.07 8.29
CA GLY D 232 -2.40 0.93 7.62
C GLY D 232 -2.46 2.35 8.16
N SER D 233 -1.81 2.61 9.29
CA SER D 233 -1.73 3.94 9.86
C SER D 233 -0.50 4.71 9.41
N SER D 234 0.38 4.09 8.63
CA SER D 234 1.62 4.72 8.21
C SER D 234 1.36 5.66 7.03
N SER D 235 2.10 6.77 7.02
CA SER D 235 1.96 7.74 5.94
C SER D 235 2.39 7.14 4.60
N THR D 236 3.50 6.42 4.59
CA THR D 236 4.03 5.79 3.39
C THR D 236 4.18 4.29 3.61
N GLY D 237 4.76 3.63 2.61
CA GLY D 237 4.98 2.20 2.67
C GLY D 237 5.39 1.70 1.30
N SER D 238 5.66 0.41 1.25
CA SER D 238 5.98 -0.23 -0.01
C SER D 238 4.71 -0.75 -0.68
N LYS D 239 4.87 -1.27 -1.90
CA LYS D 239 3.75 -1.92 -2.58
C LYS D 239 3.35 -3.21 -1.85
N ALA D 240 4.33 -3.95 -1.35
CA ALA D 240 4.04 -5.18 -0.62
C ALA D 240 3.26 -4.89 0.65
N GLU D 241 3.54 -3.76 1.30
CA GLU D 241 2.81 -3.40 2.52
C GLU D 241 1.37 -3.03 2.19
N SER D 242 1.15 -2.34 1.08
CA SER D 242 -0.21 -2.06 0.64
C SER D 242 -0.95 -3.36 0.33
N LEU D 243 -0.26 -4.32 -0.28
CA LEU D 243 -0.87 -5.62 -0.53
C LEU D 243 -1.22 -6.33 0.78
N PHE D 244 -0.32 -6.27 1.77
CA PHE D 244 -0.60 -6.87 3.06
C PHE D 244 -1.84 -6.27 3.68
N VAL D 245 -1.94 -4.94 3.67
CA VAL D 245 -3.12 -4.30 4.25
C VAL D 245 -4.37 -4.63 3.46
N ASN D 246 -4.27 -4.79 2.14
CA ASN D 246 -5.43 -5.15 1.34
C ASN D 246 -5.96 -6.52 1.72
N ILE D 247 -5.07 -7.51 1.84
CA ILE D 247 -5.50 -8.84 2.26
C ILE D 247 -6.02 -8.81 3.70
N PHE D 248 -5.39 -8.00 4.55
CA PHE D 248 -5.79 -7.92 5.95
C PHE D 248 -7.20 -7.35 6.09
N MET D 249 -7.56 -6.34 5.27
CA MET D 249 -8.95 -5.90 5.19
C MET D 249 -9.85 -6.95 4.58
N GLN D 250 -9.37 -7.71 3.60
CA GLN D 250 -10.19 -8.79 3.06
C GLN D 250 -10.49 -9.84 4.12
N ALA D 251 -9.70 -9.89 5.19
CA ALA D 251 -9.95 -10.82 6.28
C ALA D 251 -10.98 -10.30 7.28
N TYR D 252 -11.52 -9.10 7.09
CA TYR D 252 -12.23 -8.41 8.16
C TYR D 252 -13.45 -9.17 8.70
N GLY D 253 -14.50 -9.31 7.91
CA GLY D 253 -15.72 -9.87 8.46
C GLY D 253 -15.72 -11.38 8.52
N ALA D 254 -14.55 -11.98 8.71
CA ALA D 254 -14.42 -13.42 8.65
C ALA D 254 -15.17 -14.10 9.79
N GLY D 255 -15.90 -15.15 9.47
CA GLY D 255 -16.73 -15.84 10.43
C GLY D 255 -18.11 -15.26 10.61
N GLN D 256 -18.46 -14.22 9.85
CA GLN D 256 -19.76 -13.57 9.95
C GLN D 256 -20.32 -13.27 8.57
N THR D 257 -20.20 -14.23 7.65
CA THR D 257 -20.69 -13.98 6.29
C THR D 257 -22.21 -13.97 6.21
N MET D 258 -22.91 -14.55 7.17
CA MET D 258 -24.37 -14.51 7.14
C MET D 258 -24.89 -13.10 7.41
N LEU D 259 -24.20 -12.31 8.24
CA LEU D 259 -24.62 -10.92 8.43
C LEU D 259 -24.48 -10.12 7.15
N ARG D 260 -23.35 -10.27 6.46
CA ARG D 260 -23.14 -9.59 5.19
C ARG D 260 -24.15 -10.04 4.15
N TRP D 261 -24.42 -11.35 4.10
CA TRP D 261 -25.36 -11.88 3.13
C TRP D 261 -26.79 -11.49 3.46
N GLY D 262 -27.11 -11.28 4.74
CA GLY D 262 -28.42 -10.76 5.09
C GLY D 262 -28.58 -9.31 4.72
N VAL D 263 -27.52 -8.52 4.87
CA VAL D 263 -27.56 -7.15 4.36
C VAL D 263 -27.74 -7.15 2.85
N ILE D 264 -27.12 -8.11 2.17
CA ILE D 264 -27.32 -8.25 0.73
C ILE D 264 -28.78 -8.60 0.42
N ALA D 265 -29.34 -9.56 1.16
CA ALA D 265 -30.72 -9.98 0.91
C ALA D 265 -31.70 -8.86 1.17
N ARG D 266 -31.38 -7.96 2.10
CA ARG D 266 -32.19 -6.76 2.26
C ARG D 266 -32.00 -5.81 1.09
N SER D 267 -30.76 -5.62 0.64
CA SER D 267 -30.50 -4.80 -0.53
C SER D 267 -31.01 -5.43 -1.81
N SER D 268 -31.20 -6.74 -1.82
CA SER D 268 -31.75 -7.43 -2.99
C SER D 268 -33.27 -7.41 -3.02
N ASN D 269 -33.92 -6.91 -1.97
CA ASN D 269 -35.37 -6.79 -1.91
C ASN D 269 -36.06 -8.13 -2.17
N ASN D 270 -35.50 -9.20 -1.60
CA ASN D 270 -36.11 -10.52 -1.69
C ASN D 270 -37.49 -10.48 -1.03
N ILE D 271 -38.53 -10.78 -1.82
CA ILE D 271 -39.88 -10.71 -1.28
C ILE D 271 -40.12 -11.74 -0.20
N MET D 272 -39.35 -12.83 -0.20
CA MET D 272 -39.58 -13.86 0.80
C MET D 272 -39.12 -13.43 2.19
N LEU D 273 -38.41 -12.31 2.30
CA LEU D 273 -38.18 -11.70 3.60
C LEU D 273 -39.49 -11.31 4.26
N GLY D 274 -40.52 -11.02 3.46
CA GLY D 274 -41.84 -10.69 3.96
C GLY D 274 -42.70 -11.86 4.35
N HIS D 275 -42.22 -13.08 4.16
CA HIS D 275 -42.95 -14.25 4.64
C HIS D 275 -43.08 -14.18 6.15
N VAL D 276 -44.26 -14.56 6.65
CA VAL D 276 -44.58 -14.34 8.06
C VAL D 276 -43.58 -15.04 8.99
N SER D 277 -43.04 -16.19 8.56
CA SER D 277 -42.09 -16.91 9.40
C SER D 277 -40.82 -16.10 9.61
N VAL D 278 -40.34 -15.42 8.56
CA VAL D 278 -39.20 -14.53 8.72
C VAL D 278 -39.60 -13.28 9.50
N GLN D 279 -40.79 -12.75 9.23
CA GLN D 279 -41.29 -11.55 9.92
C GLN D 279 -41.32 -11.76 11.42
N ALA D 280 -41.57 -12.99 11.88
CA ALA D 280 -41.53 -13.29 13.30
C ALA D 280 -40.13 -13.25 13.88
N GLU D 281 -39.09 -13.16 13.04
CA GLU D 281 -37.71 -13.18 13.48
C GLU D 281 -36.95 -11.91 13.19
N LEU D 282 -37.49 -11.00 12.38
CA LEU D 282 -36.75 -9.77 12.10
C LEU D 282 -36.42 -8.98 13.36
N LYS D 283 -37.20 -9.14 14.44
CA LYS D 283 -36.87 -8.43 15.67
C LYS D 283 -35.54 -8.92 16.28
N GLN D 284 -35.33 -10.24 16.32
CA GLN D 284 -34.06 -10.74 16.83
C GLN D 284 -32.93 -10.54 15.82
N VAL D 285 -33.25 -10.55 14.53
CA VAL D 285 -32.25 -10.19 13.52
C VAL D 285 -31.76 -8.77 13.75
N THR D 286 -32.69 -7.85 13.96
CA THR D 286 -32.34 -6.47 14.26
C THR D 286 -31.56 -6.37 15.55
N GLU D 287 -31.86 -7.21 16.54
CA GLU D 287 -31.05 -7.21 17.76
C GLU D 287 -29.62 -7.65 17.48
N VAL D 288 -29.43 -8.63 16.60
CA VAL D 288 -28.07 -9.05 16.25
C VAL D 288 -27.31 -7.90 15.58
N TYR D 289 -27.95 -7.21 14.64
CA TYR D 289 -27.28 -6.09 14.00
C TYR D 289 -27.05 -4.93 14.96
N ASP D 290 -27.97 -4.72 15.90
CA ASP D 290 -27.75 -3.74 16.96
C ASP D 290 -26.54 -4.10 17.81
N LEU D 291 -26.37 -5.40 18.07
CA LEU D 291 -25.18 -5.84 18.80
C LEU D 291 -23.91 -5.55 18.02
N VAL D 292 -23.96 -5.74 16.70
CA VAL D 292 -22.80 -5.38 15.88
C VAL D 292 -22.51 -3.89 16.01
N ARG D 293 -23.55 -3.06 15.95
CA ARG D 293 -23.35 -1.62 16.10
C ARG D 293 -22.80 -1.26 17.47
N GLU D 294 -23.27 -1.94 18.52
CA GLU D 294 -22.79 -1.69 19.88
C GLU D 294 -21.33 -2.07 20.03
N MET D 295 -20.94 -3.23 19.50
CA MET D 295 -19.55 -3.65 19.57
C MET D 295 -18.64 -2.70 18.79
N GLY D 296 -19.08 -2.26 17.62
CA GLY D 296 -18.33 -1.29 16.85
C GLY D 296 -17.33 -1.91 15.92
N PRO D 297 -16.27 -1.16 15.60
CA PRO D 297 -15.29 -1.64 14.60
C PRO D 297 -14.57 -2.91 15.00
N GLU D 298 -14.49 -3.23 16.29
CA GLU D 298 -13.81 -4.45 16.73
C GLU D 298 -14.68 -5.69 16.56
N SER D 299 -15.94 -5.55 16.17
CA SER D 299 -16.81 -6.71 16.00
C SER D 299 -16.38 -7.57 14.83
N GLY D 300 -15.76 -6.98 13.81
CA GLY D 300 -15.32 -7.75 12.67
C GLY D 300 -14.16 -8.68 12.96
N LEU D 301 -13.34 -8.35 13.96
CA LEU D 301 -12.17 -9.14 14.30
C LEU D 301 -12.45 -10.19 15.35
N LEU D 302 -13.72 -10.37 15.74
CA LEU D 302 -14.06 -11.25 16.84
C LEU D 302 -13.67 -12.70 16.54
N HIS D 303 -13.96 -13.18 15.33
CA HIS D 303 -13.61 -14.54 14.96
C HIS D 303 -12.14 -14.68 14.61
N LEU D 304 -11.54 -13.64 14.02
CA LEU D 304 -10.11 -13.69 13.75
C LEU D 304 -9.31 -13.76 15.03
N ARG D 305 -9.70 -12.97 16.04
CA ARG D 305 -9.07 -13.03 17.35
C ARG D 305 -9.44 -14.29 18.10
N GLN D 306 -10.46 -15.01 17.65
CA GLN D 306 -11.00 -16.17 18.35
C GLN D 306 -11.50 -15.75 19.72
N SER D 307 -12.26 -14.66 19.75
CA SER D 307 -12.84 -14.19 20.99
C SER D 307 -13.94 -15.12 21.46
N PRO D 308 -13.98 -15.47 22.75
CA PRO D 308 -15.12 -16.23 23.26
C PRO D 308 -16.44 -15.49 23.09
N LYS D 309 -16.38 -14.16 23.06
CA LYS D 309 -17.56 -13.34 22.86
C LYS D 309 -18.19 -13.58 21.50
N ALA D 310 -17.40 -14.01 20.52
CA ALA D 310 -17.94 -14.37 19.21
C ALA D 310 -18.92 -15.53 19.36
N GLY D 311 -19.99 -15.49 18.60
CA GLY D 311 -21.12 -16.38 18.77
C GLY D 311 -22.34 -15.70 19.32
N LEU D 312 -22.17 -14.55 19.97
CA LEU D 312 -23.28 -13.62 20.17
C LEU D 312 -23.74 -13.02 18.86
N LEU D 313 -22.86 -12.96 17.86
CA LEU D 313 -23.18 -12.46 16.54
C LEU D 313 -23.77 -13.52 15.63
N SER D 314 -24.23 -14.63 16.19
CA SER D 314 -24.76 -15.73 15.41
C SER D 314 -26.25 -15.52 15.13
N LEU D 315 -26.65 -15.73 13.87
CA LEU D 315 -28.05 -15.72 13.46
C LEU D 315 -28.62 -17.13 13.38
N ALA D 316 -28.05 -18.07 14.11
CA ALA D 316 -28.46 -19.47 14.00
C ALA D 316 -29.78 -19.76 14.71
N ASN D 317 -30.26 -18.86 15.55
CA ASN D 317 -31.55 -19.04 16.21
C ASN D 317 -32.70 -18.46 15.40
N CYS D 318 -32.43 -17.93 14.20
CA CYS D 318 -33.44 -17.45 13.28
C CYS D 318 -33.36 -18.31 12.03
N PRO D 319 -33.84 -19.55 12.08
CA PRO D 319 -33.63 -20.47 10.95
C PRO D 319 -34.30 -20.04 9.66
N ASN D 320 -35.46 -19.40 9.72
CA ASN D 320 -36.16 -19.03 8.49
C ASN D 320 -35.49 -17.84 7.82
N PHE D 321 -35.05 -16.86 8.61
CA PHE D 321 -34.27 -15.75 8.04
C PHE D 321 -32.98 -16.28 7.43
N ALA D 322 -32.32 -17.22 8.10
CA ALA D 322 -31.10 -17.81 7.56
C ALA D 322 -31.37 -18.53 6.26
N SER D 323 -32.47 -19.27 6.18
CA SER D 323 -32.82 -19.97 4.96
C SER D 323 -33.10 -18.99 3.83
N VAL D 324 -33.82 -17.92 4.12
CA VAL D 324 -34.13 -16.93 3.09
C VAL D 324 -32.87 -16.21 2.62
N VAL D 325 -31.95 -15.93 3.55
CA VAL D 325 -30.71 -15.26 3.19
C VAL D 325 -29.84 -16.17 2.31
N LEU D 326 -29.73 -17.43 2.69
CA LEU D 326 -28.96 -18.38 1.89
C LEU D 326 -29.60 -18.59 0.52
N GLY D 327 -30.93 -18.64 0.45
CA GLY D 327 -31.60 -18.77 -0.83
C GLY D 327 -31.41 -17.57 -1.73
N ASN D 328 -31.48 -16.36 -1.15
CA ASN D 328 -31.22 -15.16 -1.93
C ASN D 328 -29.78 -15.15 -2.44
N ALA D 329 -28.83 -15.55 -1.60
CA ALA D 329 -27.44 -15.61 -2.03
C ALA D 329 -27.25 -16.64 -3.13
N SER D 330 -27.94 -17.78 -3.03
CA SER D 330 -27.81 -18.83 -4.03
C SER D 330 -28.41 -18.39 -5.36
N GLY D 331 -29.55 -17.69 -5.32
CA GLY D 331 -30.15 -17.22 -6.56
C GLY D 331 -29.27 -16.23 -7.30
N LEU D 332 -28.68 -15.28 -6.57
CA LEU D 332 -27.73 -14.36 -7.17
C LEU D 332 -26.44 -15.04 -7.62
N GLY D 333 -26.21 -16.28 -7.21
CA GLY D 333 -25.02 -17.00 -7.60
C GLY D 333 -23.79 -16.71 -6.76
N ILE D 334 -23.94 -16.03 -5.63
CA ILE D 334 -22.79 -15.71 -4.78
C ILE D 334 -22.61 -16.69 -3.64
N ILE D 335 -23.49 -17.69 -3.52
CA ILE D 335 -23.36 -18.63 -2.41
C ILE D 335 -22.10 -19.47 -2.56
N GLY D 336 -21.66 -19.72 -3.79
CA GLY D 336 -20.47 -20.52 -4.01
C GLY D 336 -20.60 -21.90 -3.39
N MET D 337 -19.57 -22.32 -2.67
CA MET D 337 -19.55 -23.59 -1.98
C MET D 337 -19.68 -23.41 -0.46
N TYR D 338 -20.36 -22.34 -0.04
CA TYR D 338 -20.63 -22.11 1.36
C TYR D 338 -21.40 -23.29 1.94
N ARG D 339 -20.96 -23.77 3.11
CA ARG D 339 -21.49 -24.98 3.70
C ARG D 339 -22.44 -24.73 4.85
N GLY D 340 -22.92 -23.49 5.02
CA GLY D 340 -23.90 -23.23 6.06
C GLY D 340 -25.15 -24.06 5.85
N ARG D 341 -25.77 -24.46 6.95
CA ARG D 341 -26.92 -25.34 6.88
C ARG D 341 -28.19 -24.54 6.62
N VAL D 342 -29.07 -25.11 5.79
CA VAL D 342 -30.33 -24.45 5.45
C VAL D 342 -31.45 -25.17 6.19
N PRO D 343 -31.98 -24.60 7.27
CA PRO D 343 -33.03 -25.31 8.03
C PRO D 343 -34.32 -25.45 7.26
N ASN D 344 -34.83 -24.34 6.72
CA ASN D 344 -36.07 -24.35 5.96
C ASN D 344 -35.74 -24.49 4.49
N THR D 345 -36.05 -25.66 3.92
CA THR D 345 -35.77 -25.92 2.52
C THR D 345 -36.76 -25.20 1.61
N GLU D 346 -38.03 -25.14 2.00
CA GLU D 346 -39.03 -24.49 1.15
C GLU D 346 -38.77 -22.99 1.02
N LEU D 347 -38.45 -22.33 2.14
CA LEU D 347 -38.10 -20.91 2.07
C LEU D 347 -36.84 -20.71 1.24
N PHE D 348 -35.87 -21.61 1.38
CA PHE D 348 -34.67 -21.54 0.56
C PHE D 348 -35.02 -21.59 -0.92
N SER D 349 -35.87 -22.56 -1.31
CA SER D 349 -36.21 -22.73 -2.71
C SER D 349 -36.97 -21.51 -3.24
N ALA D 350 -37.93 -21.01 -2.47
CA ALA D 350 -38.70 -19.85 -2.94
C ALA D 350 -37.82 -18.61 -3.04
N ALA D 351 -36.95 -18.39 -2.05
CA ALA D 351 -36.05 -17.24 -2.08
C ALA D 351 -35.09 -17.34 -3.26
N GLU D 352 -34.57 -18.54 -3.52
CA GLU D 352 -33.65 -18.73 -4.63
C GLU D 352 -34.34 -18.49 -5.97
N SER D 353 -35.57 -18.98 -6.10
CA SER D 353 -36.33 -18.74 -7.33
C SER D 353 -36.56 -17.24 -7.55
N TYR D 354 -36.95 -16.53 -6.50
CA TYR D 354 -37.18 -15.10 -6.66
C TYR D 354 -35.89 -14.36 -6.98
N ALA D 355 -34.78 -14.74 -6.34
CA ALA D 355 -33.54 -14.03 -6.58
C ALA D 355 -33.01 -14.30 -7.98
N LYS D 356 -33.17 -15.53 -8.47
CA LYS D 356 -32.80 -15.82 -9.86
C LYS D 356 -33.67 -15.02 -10.83
N SER D 357 -34.98 -14.96 -10.57
CA SER D 357 -35.86 -14.18 -11.43
C SER D 357 -35.46 -12.71 -11.44
N LEU D 358 -35.12 -12.17 -10.26
CA LEU D 358 -34.71 -10.78 -10.17
C LEU D 358 -33.40 -10.53 -10.90
N LYS D 359 -32.44 -11.44 -10.76
CA LYS D 359 -31.13 -11.24 -11.39
C LYS D 359 -31.23 -11.34 -12.91
N GLU D 360 -32.05 -12.27 -13.42
CA GLU D 360 -32.16 -12.43 -14.87
C GLU D 360 -32.76 -11.18 -15.52
N SER D 361 -33.81 -10.61 -14.92
CA SER D 361 -34.46 -9.48 -15.52
C SER D 361 -33.71 -8.18 -15.21
N ASN D 362 -33.98 -7.16 -16.03
CA ASN D 362 -33.38 -5.85 -15.87
C ASN D 362 -34.47 -4.79 -15.83
N LYS D 363 -34.38 -3.88 -14.87
CA LYS D 363 -35.36 -2.83 -14.69
C LYS D 363 -34.64 -1.51 -14.41
N ILE D 364 -35.31 -0.41 -14.73
CA ILE D 364 -34.79 0.94 -14.50
C ILE D 364 -35.72 1.66 -13.55
N ASN D 365 -35.15 2.22 -12.49
CA ASN D 365 -35.93 2.96 -11.50
C ASN D 365 -35.96 4.45 -11.82
N ASP E 1 33.59 -21.65 -0.74
CA ASP E 1 33.35 -20.27 -1.14
C ASP E 1 31.86 -19.92 -1.06
N ILE E 2 31.19 -20.49 -0.05
CA ILE E 2 29.74 -20.38 0.04
C ILE E 2 29.28 -19.30 1.03
N TYR E 3 30.10 -18.91 1.99
CA TYR E 3 29.68 -18.03 3.07
C TYR E 3 30.03 -16.57 2.85
N GLN E 4 30.60 -16.21 1.70
CA GLN E 4 30.89 -14.81 1.41
C GLN E 4 30.03 -14.26 0.26
N LEU E 5 28.88 -14.87 0.00
CA LEU E 5 28.00 -14.37 -1.04
C LEU E 5 27.34 -13.07 -0.58
N ILE E 6 27.07 -12.20 -1.55
CA ILE E 6 26.67 -10.82 -1.23
C ILE E 6 25.28 -10.80 -0.59
N MET E 7 24.33 -11.51 -1.19
CA MET E 7 22.93 -11.53 -0.74
C MET E 7 22.31 -10.14 -0.74
#